data_6PBD
#
_entry.id   6PBD
#
_cell.length_a   67.683
_cell.length_b   117.939
_cell.length_c   119.598
_cell.angle_alpha   90.00
_cell.angle_beta   90.00
_cell.angle_gamma   90.00
#
_symmetry.space_group_name_H-M   'P 21 21 21'
#
loop_
_entity.id
_entity.type
_entity.pdbx_description
1 polymer 'Modification methylase CcrMI'
2 polymer "DNA (5'-D(*CP*GP*AP*TP*TP*CP*AP*AP*TP*GP*AP*AP*TP*CP*CP*CP*AP*AP*G)-3')"
3 polymer "DNA (5'-D(*GP*CP*TP*TP*GP*GP*GP*AP*TP*TP*CP*AP*TP*TP*GP*AP*AP*TP*C)-3')"
4 non-polymer SINEFUNGIN
5 non-polymer 1,2-ETHANEDIOL
6 water water
#
loop_
_entity_poly.entity_id
_entity_poly.type
_entity_poly.pdbx_seq_one_letter_code
_entity_poly.pdbx_strand_id
1 'polypeptide(L)'
;MGHHHHHHMKFGPETIIHGDCIEQMNALPEKSVDLIFADPPYNLQLGGDLLRPDNSKVDAVDDHWDQFESFAAYDKFTRE
WLKAARRVLKDDGAIWVIGSYHNIFRVGVAVQDLGFWILNDIVWRKSNPMPNFKGTRFANAHETLIWASKSQNAKRYTFN
YDALKMANDEVQMRSDWTIPLCTGEERIKGADGQKAHPTQKPEALLYRVILSTTKPGDVILDPFFGVGTTGAAAKRLGRK
FIGIEREAEYLEHAKARIAKVVPIAPEDLDVMGSKRAEPRVPFGTIVEAGLLSPGDTLYCSKGTHVAKVRPDGSITVGDL
SGSIHKIGALVQSAPACNGWTYWHFKTDAGLAPIDVLRAQVRAGMN
;
A,B
2 'polydeoxyribonucleotide' (DC)(DG)(DA)(DT)(DT)(DC)(DA)(DA)(DT)(DG)(DA)(DA)(DT)(DC)(DC)(DC)(DA)(DA)(DG) X
3 'polydeoxyribonucleotide' (DG)(DC)(DT)(DT)(DG)(DG)(DG)(DA)(DT)(DT)(DC)(DA)(DT)(DT)(DG)(DA)(DA)(DT)(DC) Y
#
loop_
_chem_comp.id
_chem_comp.type
_chem_comp.name
_chem_comp.formula
DA DNA linking 2'-DEOXYADENOSINE-5'-MONOPHOSPHATE 'C10 H14 N5 O6 P'
DC DNA linking 2'-DEOXYCYTIDINE-5'-MONOPHOSPHATE 'C9 H14 N3 O7 P'
DG DNA linking 2'-DEOXYGUANOSINE-5'-MONOPHOSPHATE 'C10 H14 N5 O7 P'
DT DNA linking THYMIDINE-5'-MONOPHOSPHATE 'C10 H15 N2 O8 P'
EDO non-polymer 1,2-ETHANEDIOL 'C2 H6 O2'
SFG non-polymer SINEFUNGIN 'C15 H23 N7 O5'
#
# COMPACT_ATOMS: atom_id res chain seq x y z
N MET A 9 20.11 -6.52 -39.86
CA MET A 9 19.11 -5.47 -40.03
C MET A 9 17.73 -6.08 -40.30
N LYS A 10 17.72 -7.20 -41.01
CA LYS A 10 16.48 -7.91 -41.34
C LYS A 10 16.25 -8.95 -40.25
N PHE A 11 15.54 -8.55 -39.19
CA PHE A 11 15.32 -9.41 -38.04
C PHE A 11 14.31 -10.52 -38.38
N GLY A 12 14.40 -11.60 -37.61
CA GLY A 12 13.40 -12.65 -37.65
C GLY A 12 12.33 -12.38 -36.60
N PRO A 13 11.53 -13.39 -36.28
CA PRO A 13 10.48 -13.20 -35.26
C PRO A 13 11.03 -13.03 -33.86
N GLU A 14 12.18 -13.62 -33.56
CA GLU A 14 12.81 -13.53 -32.26
C GLU A 14 14.18 -12.89 -32.41
N THR A 15 14.44 -11.83 -31.64
CA THR A 15 15.74 -11.17 -31.67
C THR A 15 16.16 -10.89 -30.24
N ILE A 16 17.31 -11.42 -29.84
CA ILE A 16 17.88 -11.23 -28.51
C ILE A 16 19.23 -10.56 -28.69
N ILE A 17 19.41 -9.40 -28.06
CA ILE A 17 20.60 -8.57 -28.25
C ILE A 17 21.28 -8.39 -26.90
N HIS A 18 22.57 -8.72 -26.86
CA HIS A 18 23.40 -8.58 -25.67
C HIS A 18 24.07 -7.21 -25.70
N GLY A 19 23.73 -6.34 -24.75
CA GLY A 19 24.36 -5.05 -24.69
C GLY A 19 23.50 -4.06 -23.91
N ASP A 20 23.97 -2.81 -23.91
CA ASP A 20 23.29 -1.73 -23.22
C ASP A 20 22.12 -1.22 -24.06
N CYS A 21 20.96 -1.03 -23.41
CA CYS A 21 19.74 -0.75 -24.16
C CYS A 21 19.78 0.60 -24.86
N ILE A 22 20.47 1.59 -24.28
CA ILE A 22 20.57 2.89 -24.93
C ILE A 22 21.37 2.77 -26.22
N GLU A 23 22.56 2.16 -26.14
CA GLU A 23 23.39 2.00 -27.32
C GLU A 23 22.71 1.15 -28.38
N GLN A 24 22.05 0.07 -27.97
CA GLN A 24 21.48 -0.85 -28.95
C GLN A 24 20.21 -0.28 -29.57
N MET A 25 19.40 0.45 -28.80
CA MET A 25 18.21 1.09 -29.37
C MET A 25 18.60 2.15 -30.39
N ASN A 26 19.67 2.91 -30.11
CA ASN A 26 20.13 3.93 -31.04
C ASN A 26 20.62 3.31 -32.36
N ALA A 27 20.96 2.03 -32.36
CA ALA A 27 21.39 1.35 -33.58
C ALA A 27 20.22 0.78 -34.37
N LEU A 28 19.02 0.70 -33.80
CA LEU A 28 17.84 0.26 -34.50
C LEU A 28 17.28 1.39 -35.36
N PRO A 29 16.59 1.06 -36.46
CA PRO A 29 15.95 2.11 -37.26
C PRO A 29 14.87 2.82 -36.46
N GLU A 30 14.64 4.09 -36.80
CA GLU A 30 13.61 4.85 -36.12
C GLU A 30 12.22 4.40 -36.58
N LYS A 31 11.24 4.58 -35.68
CA LYS A 31 9.84 4.23 -35.96
C LYS A 31 9.72 2.79 -36.43
N SER A 32 10.29 1.88 -35.65
CA SER A 32 10.45 0.49 -36.07
C SER A 32 9.68 -0.53 -35.22
N VAL A 33 9.10 -0.12 -34.09
CA VAL A 33 8.44 -1.06 -33.20
C VAL A 33 7.04 -0.57 -32.87
N ASP A 34 6.12 -1.52 -32.68
CA ASP A 34 4.73 -1.18 -32.41
C ASP A 34 4.47 -0.92 -30.92
N LEU A 35 5.18 -1.64 -30.05
CA LEU A 35 4.96 -1.49 -28.62
C LEU A 35 6.29 -1.66 -27.90
N ILE A 36 6.44 -0.94 -26.80
CA ILE A 36 7.61 -1.05 -25.92
C ILE A 36 7.12 -1.41 -24.52
N PHE A 37 7.69 -2.47 -23.95
CA PHE A 37 7.46 -2.82 -22.55
C PHE A 37 8.78 -2.70 -21.81
N ALA A 38 8.82 -1.83 -20.81
CA ALA A 38 10.05 -1.54 -20.09
C ALA A 38 9.84 -1.85 -18.60
N ASP A 39 10.67 -2.73 -18.07
CA ASP A 39 10.77 -3.01 -16.64
C ASP A 39 12.13 -2.53 -16.17
N PRO A 40 12.33 -1.22 -16.00
CA PRO A 40 13.65 -0.71 -15.66
C PRO A 40 13.99 -1.01 -14.22
N PRO A 41 15.27 -0.93 -13.83
CA PRO A 41 15.60 -0.98 -12.40
C PRO A 41 14.83 0.10 -11.64
N TYR A 42 14.32 -0.28 -10.47
CA TYR A 42 13.51 0.63 -9.67
C TYR A 42 14.34 1.56 -8.80
N ASN A 43 15.60 1.20 -8.51
CA ASN A 43 16.41 1.91 -7.53
C ASN A 43 15.70 1.94 -6.17
N LEU A 44 15.66 0.76 -5.56
CA LEU A 44 14.91 0.58 -4.31
C LEU A 44 15.53 1.36 -3.16
N GLN A 45 16.83 1.63 -3.21
CA GLN A 45 17.54 2.33 -2.14
C GLN A 45 17.35 1.63 -0.80
N LEU A 46 17.68 0.34 -0.76
CA LEU A 46 17.56 -0.44 0.46
C LEU A 46 18.75 -0.16 1.37
N GLY A 47 18.47 -0.04 2.67
CA GLY A 47 19.50 0.28 3.64
C GLY A 47 20.42 -0.89 3.97
N GLY A 48 19.82 -2.04 4.29
CA GLY A 48 20.60 -3.21 4.66
C GLY A 48 19.80 -4.49 4.70
N ASP A 49 20.21 -5.41 5.55
CA ASP A 49 19.54 -6.71 5.63
C ASP A 49 18.19 -6.60 6.33
N LEU A 50 17.24 -7.41 5.87
CA LEU A 50 15.92 -7.52 6.46
C LEU A 50 15.69 -8.97 6.86
N LEU A 51 15.27 -9.18 8.11
CA LEU A 51 15.05 -10.52 8.65
C LEU A 51 13.54 -10.77 8.83
N ARG A 52 13.12 -11.99 8.52
CA ARG A 52 11.76 -12.42 8.80
C ARG A 52 11.59 -12.61 10.31
N PRO A 53 10.34 -12.69 10.80
CA PRO A 53 10.14 -12.90 12.24
C PRO A 53 10.83 -14.13 12.80
N ASP A 54 11.09 -15.15 11.98
CA ASP A 54 11.83 -16.33 12.40
C ASP A 54 13.34 -16.17 12.20
N ASN A 55 13.82 -14.94 12.03
CA ASN A 55 15.23 -14.57 11.93
C ASN A 55 15.91 -15.05 10.64
N SER A 56 15.15 -15.56 9.68
CA SER A 56 15.72 -15.91 8.39
C SER A 56 15.82 -14.69 7.49
N LYS A 57 16.87 -14.64 6.69
CA LYS A 57 17.16 -13.46 5.89
C LYS A 57 16.31 -13.44 4.62
N VAL A 58 15.86 -12.25 4.25
CA VAL A 58 15.17 -12.05 2.97
C VAL A 58 16.20 -11.88 1.87
N ASP A 59 16.03 -12.62 0.78
CA ASP A 59 16.89 -12.47 -0.39
C ASP A 59 16.42 -11.22 -1.13
N ALA A 60 16.99 -10.08 -0.77
CA ALA A 60 16.58 -8.80 -1.31
C ALA A 60 17.28 -8.52 -2.64
N VAL A 61 16.65 -7.68 -3.45
CA VAL A 61 17.21 -7.24 -4.71
C VAL A 61 18.34 -6.26 -4.43
N ASP A 62 19.57 -6.78 -4.35
CA ASP A 62 20.75 -5.98 -4.06
C ASP A 62 21.73 -5.98 -5.22
N ASP A 63 21.28 -6.38 -6.41
CA ASP A 63 22.16 -6.50 -7.56
C ASP A 63 22.72 -5.13 -7.96
N HIS A 64 23.89 -5.16 -8.59
CA HIS A 64 24.60 -3.92 -8.93
C HIS A 64 23.78 -3.05 -9.87
N TRP A 65 22.98 -3.66 -10.76
CA TRP A 65 22.26 -2.87 -11.75
C TRP A 65 21.09 -2.08 -11.18
N ASP A 66 20.76 -2.23 -9.89
CA ASP A 66 19.73 -1.44 -9.26
C ASP A 66 20.30 -0.34 -8.37
N GLN A 67 21.62 -0.17 -8.37
CA GLN A 67 22.28 0.81 -7.51
C GLN A 67 22.51 2.09 -8.31
N PHE A 68 21.99 3.20 -7.80
CA PHE A 68 22.20 4.53 -8.38
C PHE A 68 22.68 5.47 -7.31
N GLU A 69 23.53 6.42 -7.70
CA GLU A 69 24.11 7.33 -6.72
C GLU A 69 23.08 8.27 -6.12
N SER A 70 22.03 8.60 -6.86
CA SER A 70 21.08 9.60 -6.40
C SER A 70 19.84 9.57 -7.29
N PHE A 71 18.84 10.36 -6.92
CA PHE A 71 17.70 10.59 -7.79
C PHE A 71 18.14 11.21 -9.11
N ALA A 72 19.07 12.17 -9.06
CA ALA A 72 19.50 12.87 -10.26
C ALA A 72 20.18 11.91 -11.24
N ALA A 73 21.00 10.99 -10.73
CA ALA A 73 21.61 9.99 -11.61
C ALA A 73 20.56 9.08 -12.22
N TYR A 74 19.52 8.73 -11.45
CA TYR A 74 18.46 7.89 -11.98
C TYR A 74 17.64 8.63 -13.02
N ASP A 75 17.40 9.93 -12.81
CA ASP A 75 16.63 10.72 -13.77
C ASP A 75 17.37 10.87 -15.10
N LYS A 76 18.69 11.08 -15.05
CA LYS A 76 19.46 11.18 -16.29
C LYS A 76 19.42 9.87 -17.07
N PHE A 77 19.57 8.75 -16.36
CA PHE A 77 19.42 7.44 -17.02
C PHE A 77 18.02 7.27 -17.58
N THR A 78 17.00 7.66 -16.81
CA THR A 78 15.61 7.48 -17.26
C THR A 78 15.31 8.29 -18.51
N ARG A 79 15.67 9.57 -18.51
CA ARG A 79 15.42 10.40 -19.68
C ARG A 79 16.19 9.91 -20.90
N GLU A 80 17.33 9.25 -20.68
CA GLU A 80 18.17 8.81 -21.79
C GLU A 80 17.56 7.60 -22.51
N TRP A 81 17.18 6.55 -21.78
CA TRP A 81 16.63 5.39 -22.47
C TRP A 81 15.20 5.66 -22.94
N LEU A 82 14.46 6.54 -22.26
CA LEU A 82 13.13 6.91 -22.74
C LEU A 82 13.22 7.68 -24.05
N LYS A 83 14.22 8.55 -24.21
CA LYS A 83 14.40 9.25 -25.47
C LYS A 83 14.76 8.26 -26.58
N ALA A 84 15.64 7.31 -26.29
CA ALA A 84 15.98 6.30 -27.29
C ALA A 84 14.79 5.41 -27.60
N ALA A 85 13.94 5.13 -26.62
CA ALA A 85 12.75 4.32 -26.86
C ALA A 85 11.76 5.06 -27.75
N ARG A 86 11.52 6.34 -27.47
CA ARG A 86 10.60 7.12 -28.28
C ARG A 86 11.06 7.22 -29.73
N ARG A 87 12.37 7.19 -29.96
CA ARG A 87 12.89 7.30 -31.33
C ARG A 87 12.50 6.09 -32.17
N VAL A 88 12.62 4.88 -31.62
CA VAL A 88 12.34 3.67 -32.39
C VAL A 88 10.87 3.30 -32.40
N LEU A 89 10.04 3.96 -31.59
CA LEU A 89 8.62 3.67 -31.54
C LEU A 89 7.91 4.28 -32.75
N LYS A 90 6.97 3.53 -33.31
CA LYS A 90 6.18 4.02 -34.42
C LYS A 90 5.24 5.14 -33.97
N ASP A 91 4.78 5.93 -34.93
CA ASP A 91 3.96 7.09 -34.61
C ASP A 91 2.62 6.68 -34.00
N ASP A 92 2.07 5.53 -34.39
CA ASP A 92 0.85 5.02 -33.78
C ASP A 92 1.13 3.95 -32.73
N GLY A 93 2.35 3.91 -32.20
CA GLY A 93 2.72 2.94 -31.19
C GLY A 93 2.48 3.45 -29.77
N ALA A 94 2.81 2.59 -28.81
CA ALA A 94 2.62 2.92 -27.41
C ALA A 94 3.72 2.28 -26.58
N ILE A 95 3.91 2.80 -25.37
CA ILE A 95 4.92 2.30 -24.45
C ILE A 95 4.26 1.93 -23.14
N TRP A 96 4.76 0.86 -22.52
CA TRP A 96 4.40 0.46 -21.17
C TRP A 96 5.65 0.51 -20.31
N VAL A 97 5.55 1.17 -19.15
CA VAL A 97 6.62 1.18 -18.16
CA VAL A 97 6.62 1.18 -18.16
C VAL A 97 6.04 0.82 -16.81
N ILE A 98 6.73 -0.02 -16.06
CA ILE A 98 6.27 -0.49 -14.76
C ILE A 98 7.25 -0.03 -13.69
N GLY A 99 6.70 0.23 -12.51
CA GLY A 99 7.53 0.61 -11.36
C GLY A 99 6.73 0.54 -10.09
N SER A 100 7.43 0.75 -8.98
CA SER A 100 6.82 0.93 -7.67
C SER A 100 6.97 2.39 -7.27
N TYR A 101 6.54 2.72 -6.04
CA TYR A 101 6.60 4.11 -5.61
C TYR A 101 8.04 4.62 -5.62
N HIS A 102 9.02 3.73 -5.48
CA HIS A 102 10.41 4.12 -5.47
C HIS A 102 10.80 4.88 -6.73
N ASN A 103 10.17 4.56 -7.87
CA ASN A 103 10.59 5.13 -9.14
C ASN A 103 9.47 5.55 -10.07
N ILE A 104 8.23 5.10 -9.88
CA ILE A 104 7.22 5.26 -10.92
C ILE A 104 6.85 6.73 -11.11
N PHE A 105 6.97 7.54 -10.06
CA PHE A 105 6.65 8.95 -10.21
C PHE A 105 7.72 9.67 -11.02
N ARG A 106 8.99 9.27 -10.85
CA ARG A 106 10.06 9.87 -11.63
C ARG A 106 10.00 9.42 -13.08
N VAL A 107 9.63 8.16 -13.31
CA VAL A 107 9.44 7.69 -14.68
C VAL A 107 8.26 8.40 -15.34
N GLY A 108 7.15 8.56 -14.60
CA GLY A 108 5.98 9.19 -15.18
C GLY A 108 6.24 10.63 -15.60
N VAL A 109 7.00 11.37 -14.79
CA VAL A 109 7.34 12.74 -15.15
C VAL A 109 8.20 12.77 -16.40
N ALA A 110 9.17 11.87 -16.49
CA ALA A 110 10.02 11.80 -17.69
C ALA A 110 9.23 11.34 -18.90
N VAL A 111 8.21 10.49 -18.71
CA VAL A 111 7.36 10.09 -19.83
C VAL A 111 6.60 11.30 -20.36
N GLN A 112 6.03 12.10 -19.46
CA GLN A 112 5.24 13.26 -19.88
C GLN A 112 6.12 14.36 -20.45
N ASP A 113 7.36 14.49 -19.96
CA ASP A 113 8.25 15.54 -20.45
C ASP A 113 8.72 15.29 -21.87
N LEU A 114 8.73 14.04 -22.33
CA LEU A 114 9.23 13.70 -23.65
C LEU A 114 8.14 13.62 -24.71
N GLY A 115 6.93 14.07 -24.39
CA GLY A 115 5.87 14.16 -25.37
C GLY A 115 4.92 12.99 -25.43
N PHE A 116 5.15 11.95 -24.63
CA PHE A 116 4.17 10.86 -24.56
C PHE A 116 2.87 11.35 -23.94
N TRP A 117 1.77 10.73 -24.35
CA TRP A 117 0.45 11.04 -23.84
C TRP A 117 -0.03 9.86 -23.00
N ILE A 118 -0.08 10.04 -21.69
CA ILE A 118 -0.49 8.96 -20.79
C ILE A 118 -1.97 8.68 -21.00
N LEU A 119 -2.28 7.44 -21.40
CA LEU A 119 -3.66 7.01 -21.61
C LEU A 119 -4.28 6.42 -20.35
N ASN A 120 -3.51 5.62 -19.62
CA ASN A 120 -3.95 5.07 -18.33
C ASN A 120 -2.73 4.81 -17.47
N ASP A 121 -2.94 4.85 -16.16
CA ASP A 121 -2.07 4.14 -15.23
C ASP A 121 -2.80 2.86 -14.83
N ILE A 122 -2.07 1.75 -14.83
CA ILE A 122 -2.61 0.43 -14.53
C ILE A 122 -1.94 -0.06 -13.26
N VAL A 123 -2.74 -0.57 -12.33
CA VAL A 123 -2.25 -1.11 -11.07
C VAL A 123 -2.15 -2.62 -11.21
N TRP A 124 -0.96 -3.16 -10.96
CA TRP A 124 -0.79 -4.60 -10.77
C TRP A 124 -1.03 -4.89 -9.28
N ARG A 125 -2.19 -5.45 -8.97
CA ARG A 125 -2.55 -5.80 -7.60
C ARG A 125 -2.05 -7.22 -7.32
N LYS A 126 -1.05 -7.33 -6.44
CA LYS A 126 -0.44 -8.62 -6.17
C LYS A 126 -1.27 -9.39 -5.15
N SER A 127 -1.63 -10.63 -5.50
CA SER A 127 -2.42 -11.43 -4.58
C SER A 127 -1.57 -12.00 -3.45
N ASN A 128 -0.29 -12.26 -3.69
CA ASN A 128 0.59 -12.89 -2.70
C ASN A 128 1.93 -12.16 -2.60
N PRO A 129 1.93 -10.85 -2.30
CA PRO A 129 3.20 -10.14 -2.16
C PRO A 129 3.90 -10.52 -0.87
N MET A 130 5.18 -10.19 -0.81
CA MET A 130 5.92 -10.31 0.43
C MET A 130 5.32 -9.35 1.45
N PRO A 131 4.97 -9.81 2.64
CA PRO A 131 4.30 -8.92 3.61
C PRO A 131 5.28 -7.94 4.25
N ASN A 132 4.72 -7.03 5.03
CA ASN A 132 5.52 -6.15 5.88
C ASN A 132 5.76 -6.87 7.20
N PHE A 133 7.03 -7.17 7.48
CA PHE A 133 7.33 -8.10 8.57
C PHE A 133 7.38 -7.42 9.93
N LYS A 134 7.82 -6.16 10.01
CA LYS A 134 8.01 -5.53 11.30
C LYS A 134 6.78 -4.77 11.79
N GLY A 135 5.78 -4.58 10.94
CA GLY A 135 4.63 -3.78 11.31
C GLY A 135 4.88 -2.29 11.25
N THR A 136 5.66 -1.83 10.27
CA THR A 136 6.03 -0.42 10.16
C THR A 136 5.25 0.32 9.09
N ARG A 137 4.69 -0.38 8.11
CA ARG A 137 4.00 0.26 6.99
C ARG A 137 2.83 -0.62 6.57
N PHE A 138 2.07 -0.12 5.60
CA PHE A 138 1.16 -1.00 4.87
C PHE A 138 1.98 -1.96 4.02
N ALA A 139 1.47 -3.17 3.83
CA ALA A 139 2.14 -4.12 2.96
C ALA A 139 2.15 -3.58 1.53
N ASN A 140 3.35 -3.40 0.97
CA ASN A 140 3.48 -2.95 -0.40
C ASN A 140 2.98 -4.05 -1.34
N ALA A 141 1.71 -4.00 -1.71
CA ALA A 141 1.04 -5.10 -2.37
C ALA A 141 0.70 -4.80 -3.84
N HIS A 142 1.38 -3.85 -4.46
CA HIS A 142 1.04 -3.51 -5.84
C HIS A 142 2.22 -2.81 -6.50
N GLU A 143 2.15 -2.77 -7.83
CA GLU A 143 3.03 -1.97 -8.66
C GLU A 143 2.17 -1.23 -9.68
N THR A 144 2.77 -0.24 -10.34
CA THR A 144 2.04 0.66 -11.21
C THR A 144 2.65 0.66 -12.61
N LEU A 145 1.80 0.43 -13.61
CA LEU A 145 2.19 0.51 -15.01
C LEU A 145 1.62 1.78 -15.64
N ILE A 146 2.38 2.37 -16.55
CA ILE A 146 1.95 3.53 -17.32
C ILE A 146 1.79 3.11 -18.77
N TRP A 147 0.63 3.40 -19.35
CA TRP A 147 0.35 3.13 -20.75
C TRP A 147 0.19 4.48 -21.46
N ALA A 148 1.05 4.73 -22.45
CA ALA A 148 1.08 6.02 -23.10
C ALA A 148 1.32 5.85 -24.61
N SER A 149 0.57 6.63 -25.40
CA SER A 149 0.83 6.72 -26.82
C SER A 149 2.00 7.68 -27.08
N LYS A 150 2.53 7.63 -28.30
CA LYS A 150 3.70 8.41 -28.62
C LYS A 150 3.43 9.91 -28.57
N SER A 151 2.20 10.33 -28.86
CA SER A 151 1.83 11.73 -28.79
C SER A 151 0.33 11.83 -28.56
N GLN A 152 -0.10 12.99 -28.04
CA GLN A 152 -1.53 13.22 -27.92
C GLN A 152 -2.16 13.57 -29.26
N ASN A 153 -1.35 13.95 -30.25
CA ASN A 153 -1.80 14.11 -31.62
C ASN A 153 -1.62 12.84 -32.44
N ALA A 154 -1.39 11.70 -31.79
CA ALA A 154 -1.18 10.44 -32.51
C ALA A 154 -2.46 10.02 -33.23
N LYS A 155 -2.28 9.40 -34.39
CA LYS A 155 -3.39 9.01 -35.25
C LYS A 155 -4.33 8.03 -34.55
N ARG A 156 -3.87 6.80 -34.32
CA ARG A 156 -4.73 5.78 -33.74
C ARG A 156 -3.85 4.68 -33.14
N TYR A 157 -3.69 4.71 -31.82
CA TYR A 157 -3.02 3.63 -31.11
C TYR A 157 -3.91 2.39 -31.09
N THR A 158 -3.32 1.26 -30.68
CA THR A 158 -4.03 0.00 -30.63
C THR A 158 -4.64 -0.23 -29.25
N PHE A 159 -5.93 -0.52 -29.22
CA PHE A 159 -6.64 -0.89 -27.99
C PHE A 159 -7.78 -1.81 -28.40
N ASN A 160 -7.62 -3.11 -28.12
CA ASN A 160 -8.53 -4.13 -28.63
C ASN A 160 -9.77 -4.21 -27.72
N TYR A 161 -10.54 -3.12 -27.74
CA TYR A 161 -11.75 -3.04 -26.93
C TYR A 161 -12.85 -3.94 -27.49
N ASP A 162 -13.12 -3.84 -28.79
CA ASP A 162 -14.17 -4.66 -29.40
C ASP A 162 -13.72 -6.10 -29.57
N ALA A 163 -12.43 -6.33 -29.78
CA ALA A 163 -11.93 -7.69 -29.99
C ALA A 163 -11.99 -8.52 -28.71
N LEU A 164 -11.57 -7.92 -27.59
CA LEU A 164 -11.59 -8.62 -26.31
C LEU A 164 -12.97 -8.63 -25.65
N LYS A 165 -13.97 -8.05 -26.29
CA LYS A 165 -15.34 -7.96 -25.75
C LYS A 165 -15.32 -7.35 -24.36
N MET A 166 -14.82 -6.13 -24.28
CA MET A 166 -14.68 -5.42 -23.02
C MET A 166 -15.89 -4.56 -22.67
N ALA A 167 -16.90 -4.51 -23.54
CA ALA A 167 -18.09 -3.71 -23.30
C ALA A 167 -18.77 -4.14 -22.01
N ASN A 168 -18.74 -3.26 -21.00
CA ASN A 168 -19.35 -3.47 -19.69
C ASN A 168 -18.75 -4.63 -18.92
N ASP A 169 -17.56 -5.10 -19.31
CA ASP A 169 -16.87 -6.14 -18.55
C ASP A 169 -16.26 -5.51 -17.32
N GLU A 170 -16.75 -5.88 -16.13
CA GLU A 170 -16.35 -5.22 -14.91
C GLU A 170 -14.95 -5.59 -14.46
N VAL A 171 -14.35 -6.64 -15.03
CA VAL A 171 -13.02 -7.06 -14.60
C VAL A 171 -11.95 -6.76 -15.65
N GLN A 172 -12.29 -6.70 -16.93
CA GLN A 172 -11.29 -6.40 -17.95
C GLN A 172 -11.06 -4.90 -18.09
N MET A 173 -12.13 -4.11 -18.07
CA MET A 173 -12.00 -2.67 -18.26
C MET A 173 -11.36 -1.96 -17.06
N ARG A 174 -11.30 -2.62 -15.91
CA ARG A 174 -10.74 -1.97 -14.73
C ARG A 174 -9.27 -1.66 -14.93
N SER A 175 -8.81 -0.60 -14.26
CA SER A 175 -7.41 -0.20 -14.28
C SER A 175 -6.59 -0.90 -13.20
N ASP A 176 -7.18 -1.82 -12.44
CA ASP A 176 -6.45 -2.62 -11.46
C ASP A 176 -6.57 -4.08 -11.84
N TRP A 177 -5.44 -4.78 -11.89
CA TRP A 177 -5.35 -6.17 -12.31
C TRP A 177 -4.84 -7.00 -11.14
N THR A 178 -5.61 -8.02 -10.76
CA THR A 178 -5.21 -8.92 -9.68
C THR A 178 -4.50 -10.11 -10.31
N ILE A 179 -3.20 -10.23 -10.07
CA ILE A 179 -2.36 -11.26 -10.68
C ILE A 179 -1.36 -11.75 -9.64
N PRO A 180 -1.17 -13.05 -9.49
CA PRO A 180 -0.17 -13.55 -8.53
C PRO A 180 1.25 -13.24 -8.97
N LEU A 181 2.17 -13.37 -8.02
CA LEU A 181 3.59 -13.23 -8.30
C LEU A 181 4.07 -14.36 -9.22
N CYS A 182 5.26 -14.18 -9.77
CA CYS A 182 5.90 -15.23 -10.56
C CYS A 182 6.63 -16.17 -9.62
N THR A 183 5.99 -17.30 -9.29
CA THR A 183 6.55 -18.30 -8.40
C THR A 183 6.34 -19.68 -8.99
N GLY A 184 6.86 -20.69 -8.29
CA GLY A 184 6.59 -22.06 -8.69
C GLY A 184 7.31 -22.44 -9.97
N GLU A 185 6.63 -23.24 -10.80
CA GLU A 185 7.25 -23.78 -12.00
C GLU A 185 7.64 -22.70 -13.00
N GLU A 186 6.85 -21.61 -13.07
CA GLU A 186 7.15 -20.54 -14.01
C GLU A 186 8.42 -19.78 -13.62
N ARG A 187 8.76 -19.75 -12.33
CA ARG A 187 9.94 -19.04 -11.87
C ARG A 187 11.20 -19.80 -12.31
N ILE A 188 11.97 -19.18 -13.20
CA ILE A 188 13.13 -19.86 -13.77
C ILE A 188 14.21 -19.98 -12.70
N LYS A 189 14.78 -21.18 -12.58
CA LYS A 189 15.82 -21.46 -11.60
C LYS A 189 17.19 -21.38 -12.25
N GLY A 190 18.15 -20.80 -11.52
CA GLY A 190 19.51 -20.68 -11.98
C GLY A 190 20.30 -21.97 -11.78
N ALA A 191 21.60 -21.86 -12.04
CA ALA A 191 22.47 -23.04 -11.94
C ALA A 191 22.60 -23.52 -10.51
N ASP A 192 22.44 -22.63 -9.53
CA ASP A 192 22.57 -22.98 -8.12
C ASP A 192 21.27 -23.47 -7.51
N GLY A 193 20.22 -23.65 -8.31
CA GLY A 193 18.94 -24.11 -7.82
C GLY A 193 18.01 -23.02 -7.31
N GLN A 194 18.51 -21.80 -7.13
CA GLN A 194 17.68 -20.69 -6.68
C GLN A 194 17.12 -19.96 -7.89
N LYS A 195 16.40 -18.87 -7.63
CA LYS A 195 15.85 -18.07 -8.72
C LYS A 195 16.96 -17.56 -9.63
N ALA A 196 16.72 -17.62 -10.94
CA ALA A 196 17.70 -17.13 -11.89
C ALA A 196 17.72 -15.61 -11.98
N HIS A 197 16.59 -14.96 -11.70
CA HIS A 197 16.46 -13.52 -11.78
C HIS A 197 15.65 -13.03 -10.59
N PRO A 198 16.08 -11.95 -9.93
CA PRO A 198 15.38 -11.50 -8.72
C PRO A 198 14.09 -10.75 -9.00
N THR A 199 13.86 -10.24 -10.20
CA THR A 199 12.68 -9.44 -10.51
C THR A 199 11.98 -9.93 -11.76
N GLN A 200 11.78 -11.25 -11.85
CA GLN A 200 11.06 -11.80 -12.99
C GLN A 200 9.56 -11.54 -12.86
N LYS A 201 8.95 -11.00 -13.94
CA LYS A 201 7.52 -10.65 -13.93
C LYS A 201 6.67 -11.84 -14.36
N PRO A 202 5.47 -11.96 -13.81
CA PRO A 202 4.58 -13.06 -14.22
C PRO A 202 4.11 -12.87 -15.65
N GLU A 203 4.04 -13.99 -16.39
CA GLU A 203 3.60 -13.94 -17.78
C GLU A 203 2.17 -13.44 -17.91
N ALA A 204 1.33 -13.70 -16.90
CA ALA A 204 -0.06 -13.29 -16.96
C ALA A 204 -0.20 -11.77 -17.05
N LEU A 205 0.75 -11.04 -16.45
CA LEU A 205 0.76 -9.59 -16.60
C LEU A 205 1.07 -9.20 -18.03
N LEU A 206 2.05 -9.87 -18.65
CA LEU A 206 2.39 -9.55 -20.04
C LEU A 206 1.28 -9.93 -20.99
N TYR A 207 0.50 -10.98 -20.68
CA TYR A 207 -0.61 -11.38 -21.53
C TYR A 207 -1.64 -10.27 -21.66
N ARG A 208 -1.97 -9.61 -20.53
CA ARG A 208 -2.96 -8.54 -20.58
CA ARG A 208 -2.96 -8.54 -20.57
C ARG A 208 -2.46 -7.34 -21.38
N VAL A 209 -1.17 -7.01 -21.22
CA VAL A 209 -0.59 -5.90 -21.99
C VAL A 209 -0.61 -6.22 -23.48
N ILE A 210 -0.11 -7.41 -23.83
CA ILE A 210 0.06 -7.76 -25.24
C ILE A 210 -1.29 -7.90 -25.93
N LEU A 211 -2.22 -8.62 -25.31
CA LEU A 211 -3.50 -8.88 -25.96
C LEU A 211 -4.38 -7.65 -26.06
N SER A 212 -4.13 -6.62 -25.26
CA SER A 212 -4.98 -5.44 -25.28
C SER A 212 -4.44 -4.32 -26.16
N THR A 213 -3.11 -4.22 -26.33
CA THR A 213 -2.52 -3.08 -27.02
C THR A 213 -1.63 -3.47 -28.19
N THR A 214 -1.65 -4.73 -28.64
CA THR A 214 -0.96 -5.13 -29.86
C THR A 214 -1.89 -5.99 -30.70
N LYS A 215 -1.49 -6.19 -31.95
CA LYS A 215 -2.14 -7.07 -32.90
C LYS A 215 -1.19 -8.20 -33.27
N PRO A 216 -1.70 -9.34 -33.74
CA PRO A 216 -0.81 -10.43 -34.15
C PRO A 216 0.18 -9.97 -35.22
N GLY A 217 1.44 -10.32 -35.02
CA GLY A 217 2.51 -9.93 -35.92
C GLY A 217 3.22 -8.65 -35.55
N ASP A 218 2.75 -7.93 -34.53
CA ASP A 218 3.38 -6.68 -34.13
C ASP A 218 4.75 -6.95 -33.51
N VAL A 219 5.58 -5.90 -33.51
CA VAL A 219 6.94 -5.97 -32.99
C VAL A 219 6.96 -5.30 -31.62
N ILE A 220 7.36 -6.06 -30.61
CA ILE A 220 7.45 -5.57 -29.24
C ILE A 220 8.91 -5.49 -28.85
N LEU A 221 9.33 -4.33 -28.34
CA LEU A 221 10.70 -4.11 -27.89
C LEU A 221 10.73 -4.06 -26.37
N ASP A 222 11.61 -4.87 -25.78
CA ASP A 222 11.86 -4.85 -24.34
C ASP A 222 13.33 -4.51 -24.11
N PRO A 223 13.64 -3.27 -23.72
CA PRO A 223 15.05 -2.89 -23.52
C PRO A 223 15.64 -3.36 -22.21
N PHE A 224 14.88 -4.06 -21.36
CA PHE A 224 15.38 -4.63 -20.10
C PHE A 224 14.90 -6.08 -20.04
N PHE A 225 15.49 -6.92 -20.90
CA PHE A 225 14.87 -8.19 -21.23
C PHE A 225 14.87 -9.17 -20.06
N GLY A 226 15.90 -9.13 -19.21
CA GLY A 226 15.94 -10.06 -18.09
C GLY A 226 16.06 -11.50 -18.56
N VAL A 227 15.18 -12.36 -18.02
CA VAL A 227 15.14 -13.75 -18.44
C VAL A 227 14.03 -13.94 -19.47
N GLY A 228 13.75 -12.89 -20.25
CA GLY A 228 12.96 -13.03 -21.45
C GLY A 228 11.47 -13.20 -21.28
N THR A 229 10.89 -12.59 -20.23
CA THR A 229 9.47 -12.75 -19.99
C THR A 229 8.63 -12.15 -21.10
N THR A 230 8.99 -10.95 -21.55
CA THR A 230 8.27 -10.32 -22.66
C THR A 230 8.35 -11.17 -23.93
N GLY A 231 9.52 -11.73 -24.20
CA GLY A 231 9.68 -12.53 -25.40
C GLY A 231 8.90 -13.83 -25.34
N ALA A 232 8.93 -14.51 -24.18
CA ALA A 232 8.18 -15.74 -24.03
C ALA A 232 6.69 -15.51 -24.22
N ALA A 233 6.18 -14.40 -23.67
CA ALA A 233 4.76 -14.10 -23.81
C ALA A 233 4.41 -13.66 -25.23
N ALA A 234 5.28 -12.86 -25.85
CA ALA A 234 5.03 -12.45 -27.23
C ALA A 234 5.02 -13.64 -28.16
N LYS A 235 5.98 -14.55 -28.01
CA LYS A 235 6.05 -15.70 -28.91
C LYS A 235 4.85 -16.63 -28.72
N ARG A 236 4.39 -16.79 -27.48
CA ARG A 236 3.24 -17.65 -27.24
C ARG A 236 1.96 -17.07 -27.85
N LEU A 237 1.90 -15.74 -28.01
CA LEU A 237 0.70 -15.06 -28.48
C LEU A 237 0.79 -14.62 -29.93
N GLY A 238 1.82 -15.02 -30.65
CA GLY A 238 1.94 -14.67 -32.06
C GLY A 238 2.44 -13.26 -32.33
N ARG A 239 3.27 -12.72 -31.44
CA ARG A 239 3.88 -11.41 -31.64
C ARG A 239 5.39 -11.56 -31.81
N LYS A 240 5.97 -10.67 -32.62
CA LYS A 240 7.42 -10.60 -32.75
C LYS A 240 7.99 -9.77 -31.61
N PHE A 241 9.26 -10.00 -31.30
CA PHE A 241 9.86 -9.24 -30.21
C PHE A 241 11.32 -8.96 -30.48
N ILE A 242 11.83 -7.94 -29.78
CA ILE A 242 13.24 -7.59 -29.75
C ILE A 242 13.62 -7.37 -28.30
N GLY A 243 14.58 -8.15 -27.80
CA GLY A 243 15.02 -8.07 -26.41
C GLY A 243 16.44 -7.57 -26.32
N ILE A 244 16.69 -6.70 -25.34
CA ILE A 244 18.03 -6.18 -25.05
C ILE A 244 18.30 -6.41 -23.57
N GLU A 245 19.46 -6.98 -23.26
CA GLU A 245 19.84 -7.23 -21.88
C GLU A 245 21.36 -7.17 -21.75
N ARG A 246 21.83 -6.53 -20.69
CA ARG A 246 23.26 -6.37 -20.47
C ARG A 246 23.91 -7.64 -19.90
N GLU A 247 23.20 -8.37 -19.05
CA GLU A 247 23.78 -9.53 -18.39
C GLU A 247 23.70 -10.77 -19.29
N ALA A 248 24.84 -11.40 -19.51
CA ALA A 248 24.89 -12.56 -20.40
C ALA A 248 24.24 -13.79 -19.78
N GLU A 249 24.32 -13.94 -18.45
CA GLU A 249 23.72 -15.13 -17.83
C GLU A 249 22.20 -15.08 -17.86
N TYR A 250 21.60 -13.88 -17.75
CA TYR A 250 20.16 -13.77 -17.91
C TYR A 250 19.75 -14.15 -19.34
N LEU A 251 20.55 -13.77 -20.33
CA LEU A 251 20.22 -14.09 -21.70
C LEU A 251 20.35 -15.58 -21.99
N GLU A 252 21.25 -16.27 -21.29
CA GLU A 252 21.33 -17.72 -21.42
C GLU A 252 20.01 -18.38 -21.01
N HIS A 253 19.45 -17.95 -19.87
CA HIS A 253 18.17 -18.50 -19.45
C HIS A 253 17.04 -18.07 -20.36
N ALA A 254 17.08 -16.82 -20.85
CA ALA A 254 16.03 -16.34 -21.73
C ALA A 254 15.99 -17.11 -23.05
N LYS A 255 17.16 -17.45 -23.58
CA LYS A 255 17.22 -18.18 -24.84
C LYS A 255 16.70 -19.61 -24.67
N ALA A 256 17.03 -20.27 -23.57
CA ALA A 256 16.55 -21.63 -23.33
C ALA A 256 15.06 -21.62 -23.02
N ARG A 257 14.57 -20.59 -22.33
CA ARG A 257 13.15 -20.50 -22.02
C ARG A 257 12.32 -20.33 -23.29
N ILE A 258 12.72 -19.39 -24.16
CA ILE A 258 11.92 -19.06 -25.32
C ILE A 258 11.89 -20.21 -26.33
N ALA A 259 12.97 -20.99 -26.41
CA ALA A 259 12.99 -22.12 -27.34
C ALA A 259 11.99 -23.20 -26.98
N LYS A 260 11.52 -23.23 -25.73
CA LYS A 260 10.56 -24.22 -25.27
C LYS A 260 9.12 -23.72 -25.31
N VAL A 261 8.88 -22.55 -25.90
CA VAL A 261 7.55 -21.95 -25.94
C VAL A 261 6.81 -22.45 -27.16
N VAL A 262 5.64 -23.04 -26.95
CA VAL A 262 4.75 -23.49 -28.01
C VAL A 262 3.74 -22.39 -28.28
N PRO A 263 3.68 -21.82 -29.49
CA PRO A 263 2.70 -20.77 -29.76
C PRO A 263 1.28 -21.34 -29.75
N ILE A 264 0.41 -20.68 -28.99
CA ILE A 264 -0.99 -21.07 -28.90
C ILE A 264 -1.82 -20.15 -29.79
N ALA A 265 -3.09 -20.48 -29.94
CA ALA A 265 -4.04 -19.57 -30.58
C ALA A 265 -4.57 -18.61 -29.51
N PRO A 266 -4.25 -17.33 -29.58
CA PRO A 266 -4.62 -16.41 -28.47
C PRO A 266 -6.12 -16.33 -28.22
N GLU A 267 -6.95 -16.76 -29.16
CA GLU A 267 -8.40 -16.74 -28.96
C GLU A 267 -8.87 -17.70 -27.88
N ASP A 268 -8.00 -18.58 -27.39
CA ASP A 268 -8.36 -19.54 -26.35
C ASP A 268 -8.41 -18.87 -24.98
N ARG A 276 -10.60 -15.96 -9.36
CA ARG A 276 -11.18 -14.87 -8.60
C ARG A 276 -11.65 -15.35 -7.23
N ALA A 277 -10.78 -15.21 -6.23
CA ALA A 277 -11.09 -15.66 -4.88
C ALA A 277 -12.08 -14.72 -4.20
N GLU A 278 -12.72 -15.23 -3.16
CA GLU A 278 -13.73 -14.45 -2.43
C GLU A 278 -13.04 -13.39 -1.57
N PRO A 279 -13.47 -12.13 -1.64
CA PRO A 279 -12.82 -11.09 -0.84
C PRO A 279 -13.33 -11.06 0.59
N ARG A 280 -12.44 -10.63 1.50
CA ARG A 280 -12.80 -10.50 2.90
C ARG A 280 -13.69 -9.27 3.11
N VAL A 281 -14.59 -9.39 4.09
CA VAL A 281 -15.42 -8.26 4.52
C VAL A 281 -15.19 -8.06 6.01
N PRO A 282 -14.18 -7.29 6.41
CA PRO A 282 -13.89 -7.14 7.84
C PRO A 282 -14.93 -6.30 8.56
N PHE A 283 -15.14 -6.61 9.83
CA PHE A 283 -16.03 -5.80 10.65
C PHE A 283 -15.56 -4.35 10.72
N GLY A 284 -14.24 -4.14 10.71
CA GLY A 284 -13.72 -2.78 10.70
C GLY A 284 -14.17 -1.97 9.50
N THR A 285 -14.48 -2.65 8.39
CA THR A 285 -15.03 -1.95 7.22
C THR A 285 -16.45 -1.47 7.48
N ILE A 286 -17.23 -2.24 8.25
CA ILE A 286 -18.61 -1.85 8.53
C ILE A 286 -18.63 -0.64 9.46
N VAL A 287 -17.71 -0.58 10.41
CA VAL A 287 -17.62 0.61 11.28
C VAL A 287 -17.09 1.80 10.49
N GLU A 288 -16.16 1.56 9.57
CA GLU A 288 -15.62 2.62 8.74
C GLU A 288 -16.70 3.23 7.84
N ALA A 289 -17.57 2.38 7.29
CA ALA A 289 -18.64 2.86 6.42
C ALA A 289 -19.75 3.58 7.19
N GLY A 290 -19.70 3.59 8.51
CA GLY A 290 -20.73 4.27 9.29
C GLY A 290 -21.99 3.49 9.51
N LEU A 291 -22.05 2.21 9.10
CA LEU A 291 -23.21 1.40 9.39
C LEU A 291 -23.35 1.13 10.88
N LEU A 292 -22.24 1.12 11.61
CA LEU A 292 -22.23 1.14 13.06
C LEU A 292 -21.25 2.19 13.53
N SER A 293 -21.56 2.82 14.64
CA SER A 293 -20.62 3.82 15.09
C SER A 293 -19.80 3.32 16.27
N PRO A 294 -18.54 3.75 16.38
CA PRO A 294 -17.77 3.44 17.59
C PRO A 294 -18.49 3.96 18.83
N GLY A 295 -18.61 3.10 19.83
CA GLY A 295 -19.40 3.40 21.00
C GLY A 295 -20.78 2.77 21.00
N ASP A 296 -21.24 2.28 19.85
CA ASP A 296 -22.49 1.55 19.81
C ASP A 296 -22.37 0.24 20.58
N THR A 297 -23.51 -0.37 20.86
CA THR A 297 -23.58 -1.59 21.65
C THR A 297 -23.99 -2.76 20.79
N LEU A 298 -23.27 -3.87 20.91
CA LEU A 298 -23.64 -5.14 20.30
C LEU A 298 -24.23 -6.04 21.38
N TYR A 299 -25.35 -6.68 21.07
CA TYR A 299 -26.05 -7.54 22.00
C TYR A 299 -26.05 -8.98 21.46
N CYS A 300 -26.27 -9.91 22.37
CA CYS A 300 -26.48 -11.31 21.98
C CYS A 300 -27.95 -11.50 21.60
N SER A 301 -28.34 -12.75 21.32
CA SER A 301 -29.70 -13.02 20.89
C SER A 301 -30.72 -12.60 21.94
N LYS A 302 -30.41 -12.86 23.22
CA LYS A 302 -31.33 -12.52 24.29
C LYS A 302 -31.10 -11.11 24.84
N GLY A 303 -29.86 -10.64 24.84
CA GLY A 303 -29.54 -9.33 25.37
C GLY A 303 -28.86 -9.32 26.72
N THR A 304 -28.43 -10.49 27.22
CA THR A 304 -27.76 -10.55 28.52
C THR A 304 -26.28 -10.18 28.43
N HIS A 305 -25.70 -10.22 27.24
CA HIS A 305 -24.29 -9.90 27.03
C HIS A 305 -24.17 -8.74 26.07
N VAL A 306 -23.36 -7.74 26.44
CA VAL A 306 -23.21 -6.52 25.66
C VAL A 306 -21.73 -6.26 25.40
N ALA A 307 -21.46 -5.60 24.28
CA ALA A 307 -20.11 -5.17 23.90
C ALA A 307 -20.18 -3.78 23.30
N LYS A 308 -19.05 -3.06 23.38
CA LYS A 308 -18.94 -1.72 22.82
C LYS A 308 -18.06 -1.75 21.58
N VAL A 309 -18.50 -1.07 20.53
CA VAL A 309 -17.76 -1.03 19.27
C VAL A 309 -16.67 0.03 19.34
N ARG A 310 -15.48 -0.33 18.89
CA ARG A 310 -14.33 0.55 18.81
C ARG A 310 -14.04 0.93 17.35
N PRO A 311 -13.29 2.00 17.09
CA PRO A 311 -13.14 2.48 15.71
C PRO A 311 -12.41 1.53 14.78
N ASP A 312 -11.60 0.60 15.30
CA ASP A 312 -10.82 -0.30 14.47
C ASP A 312 -11.51 -1.64 14.24
N GLY A 313 -12.81 -1.74 14.54
CA GLY A 313 -13.52 -2.99 14.38
C GLY A 313 -13.33 -3.98 15.51
N SER A 314 -12.52 -3.64 16.51
CA SER A 314 -12.49 -4.45 17.72
C SER A 314 -13.66 -4.05 18.63
N ILE A 315 -13.98 -4.91 19.58
CA ILE A 315 -15.03 -4.65 20.54
C ILE A 315 -14.51 -4.97 21.94
N THR A 316 -15.18 -4.39 22.94
CA THR A 316 -14.73 -4.45 24.33
C THR A 316 -15.85 -5.01 25.20
N VAL A 317 -15.49 -5.94 26.08
CA VAL A 317 -16.37 -6.41 27.14
C VAL A 317 -15.56 -6.39 28.44
N GLY A 318 -15.98 -5.56 29.38
CA GLY A 318 -15.18 -5.39 30.58
C GLY A 318 -13.85 -4.75 30.26
N ASP A 319 -12.77 -5.39 30.69
CA ASP A 319 -11.42 -4.88 30.45
C ASP A 319 -10.76 -5.52 29.23
N LEU A 320 -11.39 -6.51 28.61
CA LEU A 320 -10.80 -7.23 27.50
C LEU A 320 -11.32 -6.71 26.16
N SER A 321 -10.43 -6.66 25.17
CA SER A 321 -10.78 -6.21 23.83
C SER A 321 -10.27 -7.22 22.80
N GLY A 322 -10.88 -7.18 21.62
CA GLY A 322 -10.51 -8.08 20.56
C GLY A 322 -11.57 -8.10 19.48
N SER A 323 -11.36 -8.99 18.51
CA SER A 323 -12.27 -9.12 17.38
C SER A 323 -13.62 -9.65 17.85
N ILE A 324 -14.61 -9.57 16.94
CA ILE A 324 -15.95 -10.06 17.27
C ILE A 324 -15.93 -11.55 17.54
N HIS A 325 -14.98 -12.28 16.96
CA HIS A 325 -14.94 -13.72 17.14
C HIS A 325 -14.25 -14.12 18.43
N LYS A 326 -13.14 -13.46 18.77
CA LYS A 326 -12.44 -13.79 20.00
C LYS A 326 -13.26 -13.38 21.22
N ILE A 327 -13.83 -12.17 21.20
CA ILE A 327 -14.62 -11.70 22.34
C ILE A 327 -15.93 -12.46 22.43
N GLY A 328 -16.59 -12.69 21.29
CA GLY A 328 -17.80 -13.49 21.30
C GLY A 328 -17.57 -14.89 21.83
N ALA A 329 -16.37 -15.45 21.63
CA ALA A 329 -16.04 -16.74 22.22
C ALA A 329 -15.79 -16.61 23.71
N LEU A 330 -15.23 -15.48 24.16
CA LEU A 330 -14.95 -15.29 25.58
C LEU A 330 -16.24 -15.04 26.37
N VAL A 331 -17.19 -14.32 25.76
CA VAL A 331 -18.43 -14.00 26.46
C VAL A 331 -19.31 -15.23 26.64
N GLN A 332 -19.04 -16.32 25.92
CA GLN A 332 -19.77 -17.56 26.07
C GLN A 332 -18.98 -18.67 26.75
N SER A 333 -17.69 -18.46 27.00
CA SER A 333 -16.80 -19.50 27.51
C SER A 333 -16.76 -20.70 26.57
N ALA A 334 -16.75 -20.42 25.27
CA ALA A 334 -16.73 -21.41 24.22
C ALA A 334 -15.44 -21.31 23.41
N PRO A 335 -14.94 -22.43 22.86
CA PRO A 335 -13.69 -22.39 22.09
C PRO A 335 -13.77 -21.49 20.87
N ALA A 336 -14.67 -21.82 19.94
CA ALA A 336 -14.84 -21.06 18.71
C ALA A 336 -16.18 -20.33 18.73
N CYS A 337 -16.28 -19.32 17.88
CA CYS A 337 -17.49 -18.50 17.80
C CYS A 337 -17.49 -17.77 16.46
N ASN A 338 -18.67 -17.61 15.88
CA ASN A 338 -18.87 -16.82 14.67
C ASN A 338 -19.59 -15.54 15.08
N GLY A 339 -18.81 -14.47 15.31
CA GLY A 339 -19.38 -13.22 15.77
C GLY A 339 -20.43 -12.63 14.86
N TRP A 340 -20.43 -13.00 13.58
CA TRP A 340 -21.39 -12.44 12.65
C TRP A 340 -22.82 -12.86 12.98
N THR A 341 -23.00 -14.11 13.39
CA THR A 341 -24.31 -14.63 13.74
C THR A 341 -24.66 -14.49 15.22
N TYR A 342 -23.67 -14.19 16.06
CA TYR A 342 -23.90 -14.11 17.50
C TYR A 342 -24.23 -12.69 17.97
N TRP A 343 -23.52 -11.69 17.47
CA TRP A 343 -23.73 -10.32 17.91
C TRP A 343 -24.87 -9.68 17.12
N HIS A 344 -25.70 -8.91 17.82
CA HIS A 344 -26.83 -8.20 17.23
C HIS A 344 -26.72 -6.71 17.54
N PHE A 345 -27.28 -5.90 16.64
CA PHE A 345 -27.31 -4.45 16.80
C PHE A 345 -28.76 -3.96 16.77
N LYS A 346 -29.05 -2.95 17.58
CA LYS A 346 -30.41 -2.45 17.69
C LYS A 346 -30.83 -1.72 16.43
N THR A 347 -32.05 -2.03 15.95
CA THR A 347 -32.62 -1.33 14.82
C THR A 347 -33.95 -0.69 15.22
N ASP A 348 -34.77 -0.33 14.24
CA ASP A 348 -36.12 0.13 14.53
C ASP A 348 -37.08 -1.03 14.77
N ALA A 349 -36.72 -2.25 14.36
CA ALA A 349 -37.57 -3.42 14.51
C ALA A 349 -36.98 -4.43 15.50
N GLY A 350 -36.02 -4.00 16.30
CA GLY A 350 -35.41 -4.84 17.30
C GLY A 350 -34.00 -5.25 16.94
N LEU A 351 -33.59 -6.38 17.49
CA LEU A 351 -32.24 -6.89 17.28
C LEU A 351 -32.12 -7.63 15.95
N ALA A 352 -31.02 -7.39 15.26
CA ALA A 352 -30.69 -8.06 14.01
C ALA A 352 -29.20 -8.36 14.03
N PRO A 353 -28.78 -9.53 13.53
CA PRO A 353 -27.35 -9.88 13.57
C PRO A 353 -26.54 -8.99 12.65
N ILE A 354 -25.30 -8.73 13.05
CA ILE A 354 -24.40 -7.92 12.25
C ILE A 354 -24.02 -8.59 10.94
N ASP A 355 -24.37 -9.87 10.77
CA ASP A 355 -24.15 -10.53 9.49
C ASP A 355 -24.95 -9.86 8.38
N VAL A 356 -26.09 -9.24 8.72
CA VAL A 356 -26.85 -8.48 7.74
C VAL A 356 -26.02 -7.35 7.17
N LEU A 357 -25.30 -6.62 8.04
CA LEU A 357 -24.45 -5.54 7.56
C LEU A 357 -23.27 -6.06 6.74
N ARG A 358 -22.77 -7.26 7.07
CA ARG A 358 -21.71 -7.85 6.28
C ARG A 358 -22.19 -8.16 4.86
N ALA A 359 -23.40 -8.70 4.74
CA ALA A 359 -23.98 -8.96 3.42
C ALA A 359 -24.24 -7.66 2.67
N GLN A 360 -24.53 -6.58 3.39
CA GLN A 360 -24.79 -5.30 2.74
C GLN A 360 -23.52 -4.73 2.11
N VAL A 361 -22.40 -4.79 2.83
CA VAL A 361 -21.13 -4.33 2.27
C VAL A 361 -20.67 -5.30 1.18
N ARG A 362 -20.88 -6.61 1.40
CA ARG A 362 -20.46 -7.60 0.42
C ARG A 362 -21.16 -7.43 -0.92
N ALA A 363 -22.44 -7.02 -0.90
CA ALA A 363 -23.19 -6.85 -2.13
C ALA A 363 -22.69 -5.66 -2.95
N GLY A 364 -22.08 -4.67 -2.31
CA GLY A 364 -21.53 -3.54 -3.03
C GLY A 364 -20.15 -3.75 -3.60
N MET A 365 -19.48 -4.84 -3.21
CA MET A 365 -18.16 -5.15 -3.73
C MET A 365 -18.27 -6.01 -4.99
N PHE B 11 -4.72 25.19 19.44
CA PHE B 11 -4.99 25.46 18.02
C PHE B 11 -6.47 25.65 17.77
N GLY B 12 -7.30 24.86 18.46
CA GLY B 12 -8.72 24.88 18.24
C GLY B 12 -9.19 23.62 17.53
N PRO B 13 -10.32 23.06 17.97
CA PRO B 13 -10.76 21.79 17.38
C PRO B 13 -11.16 21.92 15.92
N GLU B 14 -11.79 23.01 15.53
CA GLU B 14 -12.24 23.24 14.16
C GLU B 14 -11.76 24.60 13.70
N THR B 15 -11.03 24.63 12.59
CA THR B 15 -10.54 25.88 12.03
C THR B 15 -10.73 25.85 10.52
N ILE B 16 -11.46 26.82 9.99
CA ILE B 16 -11.74 26.93 8.56
C ILE B 16 -11.25 28.30 8.11
N ILE B 17 -10.41 28.31 7.08
CA ILE B 17 -9.74 29.53 6.62
C ILE B 17 -10.05 29.71 5.14
N HIS B 18 -10.50 30.91 4.78
CA HIS B 18 -10.83 31.26 3.41
C HIS B 18 -9.65 32.00 2.78
N GLY B 19 -9.07 31.42 1.75
CA GLY B 19 -7.97 32.07 1.05
C GLY B 19 -7.13 31.05 0.29
N ASP B 20 -5.98 31.54 -0.18
CA ASP B 20 -5.05 30.71 -0.93
C ASP B 20 -4.18 29.90 0.03
N CYS B 21 -4.00 28.61 -0.31
CA CYS B 21 -3.35 27.70 0.62
C CYS B 21 -1.88 28.04 0.84
N ILE B 22 -1.21 28.59 -0.17
CA ILE B 22 0.21 28.92 -0.01
C ILE B 22 0.37 30.12 0.92
N GLU B 23 -0.45 31.16 0.73
CA GLU B 23 -0.36 32.33 1.59
C GLU B 23 -0.81 32.00 3.02
N GLN B 24 -1.81 31.16 3.17
CA GLN B 24 -2.31 30.84 4.50
C GLN B 24 -1.38 29.89 5.25
N MET B 25 -0.84 28.87 4.57
CA MET B 25 0.09 27.96 5.22
C MET B 25 1.34 28.68 5.71
N ASN B 26 1.79 29.70 4.99
CA ASN B 26 2.93 30.48 5.43
C ASN B 26 2.61 31.32 6.67
N ALA B 27 1.33 31.57 6.94
CA ALA B 27 0.95 32.34 8.12
C ALA B 27 0.92 31.51 9.39
N LEU B 28 0.91 30.18 9.27
CA LEU B 28 0.88 29.31 10.43
C LEU B 28 2.27 29.16 11.03
N PRO B 29 2.36 28.90 12.33
CA PRO B 29 3.67 28.60 12.94
C PRO B 29 4.24 27.30 12.40
N GLU B 30 5.56 27.18 12.52
CA GLU B 30 6.26 26.02 11.99
C GLU B 30 6.14 24.84 12.94
N LYS B 31 6.17 23.63 12.36
CA LYS B 31 6.16 22.37 13.11
C LYS B 31 4.97 22.32 14.08
N SER B 32 3.80 22.69 13.58
CA SER B 32 2.62 22.79 14.41
C SER B 32 1.51 21.80 14.06
N VAL B 33 1.60 21.08 12.95
CA VAL B 33 0.58 20.13 12.56
C VAL B 33 1.16 18.72 12.50
N ASP B 34 0.33 17.75 12.86
CA ASP B 34 0.76 16.35 12.93
C ASP B 34 0.60 15.63 11.61
N LEU B 35 -0.37 16.05 10.78
CA LEU B 35 -0.66 15.35 9.55
C LEU B 35 -1.20 16.35 8.53
N ILE B 36 -0.85 16.12 7.27
CA ILE B 36 -1.35 16.93 6.16
C ILE B 36 -2.03 16.01 5.17
N PHE B 37 -3.24 16.39 4.73
CA PHE B 37 -3.95 15.69 3.68
C PHE B 37 -4.25 16.69 2.57
N ALA B 38 -3.79 16.40 1.36
CA ALA B 38 -3.89 17.32 0.25
C ALA B 38 -4.51 16.63 -0.95
N ASP B 39 -5.61 17.19 -1.46
CA ASP B 39 -6.26 16.75 -2.68
C ASP B 39 -6.20 17.88 -3.69
N PRO B 40 -5.02 18.13 -4.28
CA PRO B 40 -4.85 19.32 -5.12
C PRO B 40 -5.65 19.23 -6.41
N PRO B 41 -5.96 20.35 -7.04
CA PRO B 41 -6.65 20.31 -8.32
C PRO B 41 -5.76 19.75 -9.41
N TYR B 42 -6.40 19.09 -10.39
CA TYR B 42 -5.65 18.43 -11.45
C TYR B 42 -4.91 19.44 -12.31
N ASN B 43 -5.65 20.36 -12.94
CA ASN B 43 -5.10 21.43 -13.74
C ASN B 43 -4.92 22.67 -12.89
N LEU B 44 -3.99 23.53 -13.30
CA LEU B 44 -3.58 24.62 -12.42
C LEU B 44 -4.70 25.65 -12.23
N GLN B 45 -5.09 26.35 -13.28
CA GLN B 45 -6.08 27.41 -13.20
C GLN B 45 -7.37 26.90 -13.81
N LEU B 46 -8.21 26.28 -12.98
CA LEU B 46 -9.50 25.75 -13.42
C LEU B 46 -9.35 24.80 -14.61
N SER B 70 0.20 23.99 -18.98
CA SER B 70 1.66 23.89 -18.93
C SER B 70 2.13 23.11 -17.70
N PHE B 71 3.02 22.15 -17.93
CA PHE B 71 3.60 21.41 -16.81
C PHE B 71 4.52 22.29 -15.97
N ALA B 72 5.17 23.27 -16.59
CA ALA B 72 6.08 24.15 -15.86
C ALA B 72 5.34 24.95 -14.81
N ALA B 73 4.18 25.51 -15.17
CA ALA B 73 3.39 26.25 -14.20
C ALA B 73 2.88 25.34 -13.09
N TYR B 74 2.37 24.16 -13.43
CA TYR B 74 1.85 23.25 -12.42
C TYR B 74 2.97 22.72 -11.53
N ASP B 75 4.16 22.50 -12.08
CA ASP B 75 5.28 22.02 -11.28
C ASP B 75 5.74 23.09 -10.29
N LYS B 76 5.70 24.36 -10.69
CA LYS B 76 6.09 25.42 -9.78
C LYS B 76 5.06 25.61 -8.67
N PHE B 77 3.77 25.58 -9.03
CA PHE B 77 2.72 25.62 -8.02
C PHE B 77 2.81 24.43 -7.08
N THR B 78 3.03 23.24 -7.63
CA THR B 78 3.15 22.05 -6.79
C THR B 78 4.32 22.16 -5.82
N ARG B 79 5.48 22.62 -6.32
CA ARG B 79 6.65 22.77 -5.47
C ARG B 79 6.46 23.84 -4.42
N GLU B 80 5.59 24.82 -4.66
CA GLU B 80 5.41 25.90 -3.70
C GLU B 80 4.54 25.46 -2.52
N TRP B 81 3.41 24.81 -2.79
CA TRP B 81 2.52 24.45 -1.69
C TRP B 81 3.06 23.27 -0.89
N LEU B 82 3.82 22.38 -1.52
CA LEU B 82 4.47 21.30 -0.78
C LEU B 82 5.57 21.84 0.13
N LYS B 83 6.34 22.81 -0.36
CA LYS B 83 7.38 23.42 0.47
C LYS B 83 6.77 24.15 1.65
N ALA B 84 5.65 24.85 1.43
CA ALA B 84 4.97 25.53 2.53
C ALA B 84 4.36 24.54 3.50
N ALA B 85 3.88 23.39 3.00
CA ALA B 85 3.32 22.38 3.88
C ALA B 85 4.38 21.71 4.74
N ARG B 86 5.56 21.49 4.17
CA ARG B 86 6.62 20.81 4.91
C ARG B 86 7.06 21.62 6.12
N ARG B 87 7.07 22.95 6.00
CA ARG B 87 7.50 23.80 7.11
C ARG B 87 6.53 23.69 8.29
N VAL B 88 5.22 23.63 8.01
CA VAL B 88 4.22 23.56 9.07
C VAL B 88 4.19 22.19 9.72
N LEU B 89 4.67 21.16 9.03
CA LEU B 89 4.60 19.81 9.55
C LEU B 89 5.61 19.58 10.66
N LYS B 90 5.17 18.89 11.71
CA LYS B 90 6.08 18.50 12.78
C LYS B 90 7.11 17.51 12.27
N ASP B 91 8.26 17.46 12.96
CA ASP B 91 9.38 16.63 12.50
C ASP B 91 8.98 15.16 12.41
N ASP B 92 8.08 14.71 13.27
CA ASP B 92 7.60 13.33 13.26
C ASP B 92 6.27 13.16 12.54
N GLY B 93 5.85 14.16 11.78
CA GLY B 93 4.58 14.10 11.07
C GLY B 93 4.69 13.40 9.73
N ALA B 94 3.57 13.40 9.01
CA ALA B 94 3.49 12.75 7.71
C ALA B 94 2.53 13.53 6.82
N ILE B 95 2.62 13.28 5.51
CA ILE B 95 1.78 13.94 4.52
C ILE B 95 1.09 12.88 3.67
N TRP B 96 -0.15 13.17 3.28
CA TRP B 96 -0.90 12.39 2.32
C TRP B 96 -1.28 13.29 1.15
N VAL B 97 -1.04 12.82 -0.07
CA VAL B 97 -1.54 13.47 -1.27
C VAL B 97 -2.26 12.42 -2.09
N ILE B 98 -3.29 12.85 -2.82
CA ILE B 98 -4.07 11.97 -3.67
C ILE B 98 -4.27 12.63 -5.02
N GLY B 99 -4.15 11.85 -6.08
CA GLY B 99 -4.38 12.35 -7.43
C GLY B 99 -4.63 11.21 -8.39
N SER B 100 -4.82 11.58 -9.65
CA SER B 100 -4.98 10.63 -10.74
C SER B 100 -3.71 10.62 -11.59
N TYR B 101 -3.74 9.86 -12.69
CA TYR B 101 -2.55 9.75 -13.52
C TYR B 101 -2.17 11.07 -14.17
N HIS B 102 -3.09 12.04 -14.21
CA HIS B 102 -2.77 13.33 -14.84
C HIS B 102 -1.72 14.09 -14.07
N ASN B 103 -1.78 14.07 -12.73
CA ASN B 103 -0.92 14.91 -11.91
C ASN B 103 -0.14 14.19 -10.83
N ILE B 104 -0.43 12.92 -10.53
CA ILE B 104 0.17 12.30 -9.35
C ILE B 104 1.67 12.11 -9.54
N PHE B 105 2.13 11.93 -10.79
CA PHE B 105 3.56 11.82 -11.02
C PHE B 105 4.26 13.16 -10.76
N ARG B 106 3.64 14.26 -11.20
CA ARG B 106 4.15 15.59 -10.88
C ARG B 106 4.28 15.77 -9.37
N VAL B 107 3.22 15.43 -8.63
CA VAL B 107 3.25 15.60 -7.18
C VAL B 107 4.25 14.65 -6.54
N GLY B 108 4.30 13.41 -7.02
CA GLY B 108 5.20 12.42 -6.42
C GLY B 108 6.66 12.79 -6.55
N VAL B 109 7.04 13.35 -7.70
CA VAL B 109 8.43 13.76 -7.87
C VAL B 109 8.76 14.94 -6.96
N ALA B 110 7.86 15.90 -6.86
CA ALA B 110 8.10 17.05 -5.98
C ALA B 110 8.14 16.62 -4.52
N VAL B 111 7.33 15.63 -4.14
CA VAL B 111 7.37 15.09 -2.79
C VAL B 111 8.74 14.50 -2.49
N GLN B 112 9.25 13.66 -3.40
CA GLN B 112 10.57 13.06 -3.20
C GLN B 112 11.67 14.11 -3.25
N ASP B 113 11.58 15.08 -4.16
CA ASP B 113 12.64 16.06 -4.34
C ASP B 113 12.77 16.99 -3.14
N LEU B 114 11.66 17.31 -2.47
CA LEU B 114 11.69 18.28 -1.37
C LEU B 114 12.16 17.68 -0.06
N GLY B 115 12.48 16.40 -0.02
CA GLY B 115 13.01 15.78 1.18
C GLY B 115 12.06 14.84 1.89
N PHE B 116 10.80 14.77 1.47
CA PHE B 116 9.89 13.77 2.02
C PHE B 116 10.39 12.38 1.68
N TRP B 117 10.04 11.42 2.52
CA TRP B 117 10.43 10.02 2.35
C TRP B 117 9.17 9.17 2.24
N ILE B 118 8.97 8.55 1.08
CA ILE B 118 7.73 7.84 0.82
C ILE B 118 7.72 6.52 1.60
N LEU B 119 6.64 6.30 2.33
CA LEU B 119 6.46 5.06 3.07
C LEU B 119 5.61 4.06 2.29
N ASN B 120 4.53 4.54 1.68
CA ASN B 120 3.70 3.75 0.78
C ASN B 120 3.08 4.69 -0.24
N ASP B 121 2.84 4.16 -1.43
CA ASP B 121 1.77 4.67 -2.28
C ASP B 121 0.57 3.74 -2.13
N ILE B 122 -0.61 4.34 -2.01
CA ILE B 122 -1.84 3.61 -1.71
C ILE B 122 -2.75 3.66 -2.93
N VAL B 123 -3.36 2.52 -3.26
CA VAL B 123 -4.30 2.42 -4.37
C VAL B 123 -5.71 2.37 -3.78
N TRP B 124 -6.49 3.41 -4.03
CA TRP B 124 -7.91 3.38 -3.69
C TRP B 124 -8.64 2.70 -4.82
N ARG B 125 -8.97 1.41 -4.63
CA ARG B 125 -9.79 0.69 -5.59
C ARG B 125 -11.25 1.08 -5.38
N LYS B 126 -11.86 1.66 -6.41
CA LYS B 126 -13.26 2.08 -6.33
C LYS B 126 -14.15 0.84 -6.50
N SER B 127 -15.00 0.59 -5.51
CA SER B 127 -15.87 -0.59 -5.55
C SER B 127 -16.85 -0.50 -6.69
N ASN B 128 -17.42 0.68 -6.93
CA ASN B 128 -18.45 0.90 -7.94
C ASN B 128 -18.00 2.00 -8.90
N PRO B 129 -17.04 1.69 -9.78
CA PRO B 129 -16.54 2.73 -10.70
C PRO B 129 -17.57 3.08 -11.77
N MET B 130 -17.45 4.29 -12.29
CA MET B 130 -18.33 4.72 -13.36
C MET B 130 -17.95 4.00 -14.65
N PRO B 131 -18.92 3.48 -15.40
CA PRO B 131 -18.58 2.71 -16.61
C PRO B 131 -18.11 3.63 -17.74
N ASN B 132 -17.13 3.14 -18.50
CA ASN B 132 -16.55 3.87 -19.63
C ASN B 132 -16.96 3.15 -20.91
N PHE B 133 -17.98 3.68 -21.58
CA PHE B 133 -18.50 3.09 -22.81
C PHE B 133 -17.83 3.64 -24.06
N LYS B 134 -16.89 4.59 -23.91
CA LYS B 134 -16.21 5.14 -25.09
C LYS B 134 -15.40 4.07 -25.82
N GLY B 135 -14.84 3.12 -25.09
CA GLY B 135 -14.12 2.02 -25.73
C GLY B 135 -12.77 2.39 -26.29
N THR B 136 -12.09 3.38 -25.70
CA THR B 136 -10.79 3.80 -26.17
C THR B 136 -9.67 3.61 -25.16
N ARG B 137 -9.99 3.53 -23.86
CA ARG B 137 -8.99 3.35 -22.81
C ARG B 137 -9.55 2.39 -21.77
N PHE B 138 -8.70 2.03 -20.81
CA PHE B 138 -9.19 1.30 -19.65
C PHE B 138 -10.03 2.21 -18.78
N ALA B 139 -10.98 1.63 -18.07
CA ALA B 139 -11.87 2.39 -17.20
C ALA B 139 -11.14 2.80 -15.94
N ASN B 140 -11.25 4.08 -15.57
CA ASN B 140 -10.60 4.62 -14.38
C ASN B 140 -11.29 4.04 -13.15
N ALA B 141 -10.70 2.99 -12.57
CA ALA B 141 -11.29 2.30 -11.43
C ALA B 141 -10.47 2.49 -10.15
N HIS B 142 -9.56 3.46 -10.14
CA HIS B 142 -8.73 3.66 -8.94
C HIS B 142 -8.19 5.08 -8.94
N GLU B 143 -7.70 5.47 -7.77
CA GLU B 143 -6.89 6.68 -7.62
C GLU B 143 -5.71 6.33 -6.74
N THR B 144 -4.68 7.17 -6.79
CA THR B 144 -3.42 6.91 -6.11
C THR B 144 -3.22 7.90 -4.97
N LEU B 145 -2.78 7.40 -3.82
CA LEU B 145 -2.40 8.21 -2.69
C LEU B 145 -0.94 7.95 -2.35
N ILE B 146 -0.28 8.98 -1.84
CA ILE B 146 1.12 8.90 -1.41
C ILE B 146 1.18 9.27 0.06
N TRP B 147 1.78 8.39 0.86
CA TRP B 147 1.98 8.60 2.29
C TRP B 147 3.48 8.71 2.54
N ALA B 148 3.92 9.85 3.06
CA ALA B 148 5.35 10.10 3.24
C ALA B 148 5.61 10.81 4.56
N SER B 149 6.67 10.41 5.25
CA SER B 149 7.10 11.13 6.43
C SER B 149 7.88 12.37 6.03
N LYS B 150 8.11 13.27 7.00
CA LYS B 150 8.67 14.58 6.69
C LYS B 150 10.09 14.45 6.13
N SER B 151 10.88 13.52 6.65
CA SER B 151 12.23 13.29 6.14
C SER B 151 12.56 11.82 6.27
N GLN B 152 13.72 11.44 5.74
CA GLN B 152 14.11 10.04 5.71
C GLN B 152 14.55 9.55 7.08
N ASN B 153 15.40 10.33 7.76
CA ASN B 153 16.01 9.89 9.01
C ASN B 153 15.17 10.23 10.23
N ALA B 154 13.99 10.83 10.06
CA ALA B 154 13.03 10.98 11.15
C ALA B 154 12.03 9.82 11.09
N LYS B 155 12.54 8.64 11.45
CA LYS B 155 11.79 7.40 11.28
C LYS B 155 10.73 7.19 12.36
N ARG B 156 10.57 8.14 13.29
CA ARG B 156 9.48 8.10 14.24
C ARG B 156 8.27 8.81 13.64
N TYR B 157 7.29 8.03 13.21
CA TYR B 157 6.03 8.55 12.68
C TYR B 157 4.89 7.71 13.23
N THR B 158 3.68 8.26 13.16
CA THR B 158 2.51 7.57 13.69
C THR B 158 2.00 6.56 12.67
N PHE B 159 1.88 5.30 13.10
CA PHE B 159 1.27 4.26 12.28
C PHE B 159 0.69 3.21 13.22
N ASN B 160 -0.64 3.14 13.29
CA ASN B 160 -1.33 2.26 14.24
C ASN B 160 -1.51 0.87 13.62
N TYR B 161 -0.38 0.15 13.54
CA TYR B 161 -0.33 -1.10 12.79
C TYR B 161 -1.33 -2.11 13.31
N ASP B 162 -1.37 -2.30 14.64
CA ASP B 162 -2.24 -3.32 15.22
C ASP B 162 -3.71 -2.97 15.06
N ALA B 163 -4.05 -1.67 15.11
CA ALA B 163 -5.43 -1.27 14.90
C ALA B 163 -5.89 -1.53 13.48
N LEU B 164 -5.02 -1.27 12.51
CA LEU B 164 -5.38 -1.48 11.10
C LEU B 164 -5.41 -2.97 10.77
N LYS B 165 -4.58 -3.76 11.43
CA LYS B 165 -4.66 -5.21 11.27
C LYS B 165 -5.98 -5.74 11.79
N MET B 166 -6.41 -5.26 12.96
CA MET B 166 -7.73 -5.61 13.48
C MET B 166 -8.83 -5.16 12.52
N ALA B 167 -8.68 -3.96 11.95
CA ALA B 167 -9.68 -3.44 11.02
C ALA B 167 -9.73 -4.25 9.73
N ASN B 168 -8.72 -5.06 9.44
CA ASN B 168 -8.66 -5.85 8.21
C ASN B 168 -8.82 -7.34 8.50
N ASP B 169 -9.64 -7.67 9.50
CA ASP B 169 -9.99 -9.06 9.83
C ASP B 169 -8.78 -9.86 10.31
N GLU B 170 -7.86 -9.20 11.02
CA GLU B 170 -6.70 -9.80 11.67
C GLU B 170 -5.61 -10.25 10.70
N VAL B 171 -5.64 -9.76 9.46
CA VAL B 171 -4.47 -9.79 8.58
C VAL B 171 -4.06 -8.36 8.34
N GLN B 172 -2.75 -8.13 8.22
CA GLN B 172 -2.24 -6.77 8.15
C GLN B 172 -2.82 -6.03 6.95
N MET B 173 -3.04 -4.73 7.12
CA MET B 173 -3.59 -3.91 6.05
C MET B 173 -2.55 -3.72 4.96
N ARG B 174 -2.99 -3.81 3.71
CA ARG B 174 -2.11 -3.73 2.54
C ARG B 174 -2.29 -2.37 1.85
N SER B 175 -1.53 -2.17 0.77
CA SER B 175 -1.54 -0.91 0.06
C SER B 175 -2.72 -0.77 -0.89
N ASP B 176 -3.57 -1.78 -1.01
CA ASP B 176 -4.74 -1.73 -1.89
C ASP B 176 -6.00 -1.68 -1.03
N TRP B 177 -6.76 -0.59 -1.17
CA TRP B 177 -7.97 -0.35 -0.40
C TRP B 177 -9.18 -0.37 -1.33
N THR B 178 -10.20 -1.16 -0.97
CA THR B 178 -11.44 -1.24 -1.71
C THR B 178 -12.52 -0.46 -0.97
N ILE B 179 -12.89 0.69 -1.52
CA ILE B 179 -13.82 1.61 -0.86
C ILE B 179 -14.78 2.18 -1.91
N PRO B 180 -16.09 2.20 -1.65
CA PRO B 180 -17.03 2.70 -2.65
C PRO B 180 -16.87 4.19 -2.92
N LEU B 181 -17.38 4.61 -4.07
CA LEU B 181 -17.43 6.03 -4.39
C LEU B 181 -18.34 6.76 -3.41
N CYS B 182 -18.17 8.08 -3.34
CA CYS B 182 -19.03 8.93 -2.53
C CYS B 182 -20.34 9.11 -3.28
N THR B 183 -21.39 8.41 -2.83
CA THR B 183 -22.68 8.46 -3.48
C THR B 183 -23.77 8.55 -2.42
N GLY B 184 -25.01 8.74 -2.89
CA GLY B 184 -26.14 8.79 -1.99
C GLY B 184 -26.25 10.13 -1.26
N GLU B 185 -26.73 10.07 -0.02
CA GLU B 185 -26.91 11.27 0.78
C GLU B 185 -25.59 11.89 1.21
N GLU B 186 -24.49 11.14 1.16
CA GLU B 186 -23.20 11.71 1.51
C GLU B 186 -22.74 12.72 0.46
N ARG B 187 -23.09 12.50 -0.80
CA ARG B 187 -22.73 13.45 -1.86
C ARG B 187 -23.49 14.74 -1.66
N ILE B 188 -22.79 15.80 -1.27
CA ILE B 188 -23.43 17.07 -0.96
C ILE B 188 -24.04 17.64 -2.23
N LYS B 189 -25.34 17.91 -2.19
CA LYS B 189 -26.06 18.51 -3.30
C LYS B 189 -26.18 20.01 -3.09
N GLY B 190 -26.06 20.76 -4.18
CA GLY B 190 -26.31 22.19 -4.14
C GLY B 190 -27.75 22.51 -4.49
N ALA B 191 -28.04 23.81 -4.56
CA ALA B 191 -29.34 24.25 -5.04
C ALA B 191 -29.56 23.75 -6.46
N ASP B 192 -30.81 23.37 -6.76
CA ASP B 192 -31.28 22.72 -7.99
C ASP B 192 -30.96 21.23 -8.00
N GLY B 193 -30.36 20.69 -6.95
CA GLY B 193 -30.18 19.25 -6.81
C GLY B 193 -28.95 18.67 -7.45
N GLN B 194 -28.12 19.47 -8.11
CA GLN B 194 -26.92 18.96 -8.74
C GLN B 194 -25.82 18.74 -7.70
N LYS B 195 -24.75 18.06 -8.13
CA LYS B 195 -23.61 17.84 -7.26
C LYS B 195 -22.95 19.16 -6.92
N ALA B 196 -22.55 19.33 -5.65
CA ALA B 196 -21.97 20.60 -5.23
C ALA B 196 -20.49 20.69 -5.57
N HIS B 197 -19.74 19.59 -5.42
CA HIS B 197 -18.32 19.59 -5.70
C HIS B 197 -18.01 18.45 -6.67
N PRO B 198 -17.25 18.72 -7.74
CA PRO B 198 -17.00 17.66 -8.73
C PRO B 198 -16.05 16.58 -8.24
N THR B 199 -15.17 16.87 -7.28
CA THR B 199 -14.17 15.91 -6.83
C THR B 199 -14.28 15.63 -5.34
N GLN B 200 -15.51 15.53 -4.83
CA GLN B 200 -15.71 15.20 -3.41
C GLN B 200 -15.29 13.76 -3.15
N LYS B 201 -14.35 13.56 -2.17
CA LYS B 201 -13.80 12.28 -1.77
C LYS B 201 -14.67 11.64 -0.70
N PRO B 202 -14.69 10.30 -0.64
CA PRO B 202 -15.53 9.61 0.33
C PRO B 202 -14.99 9.74 1.75
N GLU B 203 -15.93 9.77 2.71
CA GLU B 203 -15.54 9.88 4.11
C GLU B 203 -14.80 8.65 4.59
N ALA B 204 -15.19 7.46 4.12
CA ALA B 204 -14.56 6.23 4.57
C ALA B 204 -13.08 6.19 4.20
N LEU B 205 -12.70 6.81 3.08
CA LEU B 205 -11.30 6.88 2.71
C LEU B 205 -10.51 7.72 3.71
N LEU B 206 -11.02 8.90 4.06
CA LEU B 206 -10.35 9.74 5.06
C LEU B 206 -10.39 9.10 6.45
N TYR B 207 -11.45 8.37 6.75
CA TYR B 207 -11.54 7.65 8.02
C TYR B 207 -10.34 6.72 8.19
N ARG B 208 -10.01 5.94 7.16
CA ARG B 208 -8.89 5.02 7.26
C ARG B 208 -7.56 5.75 7.34
N VAL B 209 -7.44 6.87 6.64
CA VAL B 209 -6.22 7.68 6.71
C VAL B 209 -6.00 8.20 8.12
N ILE B 210 -7.04 8.79 8.71
CA ILE B 210 -6.92 9.37 10.03
C ILE B 210 -6.76 8.28 11.09
N LEU B 211 -7.51 7.18 10.96
CA LEU B 211 -7.40 6.07 11.90
C LEU B 211 -5.99 5.50 11.94
N SER B 212 -5.29 5.51 10.79
CA SER B 212 -4.01 4.82 10.71
C SER B 212 -2.81 5.68 11.05
N THR B 213 -2.87 6.99 10.79
CA THR B 213 -1.68 7.83 10.87
C THR B 213 -1.84 9.04 11.80
N THR B 214 -2.85 9.07 12.66
CA THR B 214 -2.95 10.08 13.71
C THR B 214 -3.42 9.42 14.99
N LYS B 215 -3.30 10.17 16.08
CA LYS B 215 -3.85 9.83 17.38
C LYS B 215 -4.97 10.82 17.73
N PRO B 216 -5.86 10.46 18.66
CA PRO B 216 -6.83 11.45 19.15
C PRO B 216 -6.10 12.68 19.67
N GLY B 217 -6.61 13.85 19.30
CA GLY B 217 -6.01 15.12 19.66
C GLY B 217 -5.11 15.71 18.59
N ASP B 218 -4.59 14.89 17.66
CA ASP B 218 -3.74 15.40 16.60
C ASP B 218 -4.51 16.39 15.72
N VAL B 219 -3.77 17.33 15.13
CA VAL B 219 -4.34 18.33 14.24
C VAL B 219 -3.98 17.95 12.80
N ILE B 220 -4.97 18.00 11.92
CA ILE B 220 -4.81 17.65 10.52
C ILE B 220 -5.02 18.91 9.68
N LEU B 221 -4.06 19.20 8.81
CA LEU B 221 -4.14 20.34 7.91
C LEU B 221 -4.53 19.87 6.52
N ASP B 222 -5.58 20.47 5.96
CA ASP B 222 -6.00 20.21 4.59
C ASP B 222 -5.99 21.53 3.83
N PRO B 223 -4.99 21.75 2.96
CA PRO B 223 -4.93 23.02 2.21
C PRO B 223 -5.88 23.09 1.03
N PHE B 224 -6.60 22.01 0.71
CA PHE B 224 -7.57 22.00 -0.37
C PHE B 224 -8.88 21.40 0.19
N PHE B 225 -9.54 22.19 1.06
CA PHE B 225 -10.60 21.66 1.90
C PHE B 225 -11.80 21.20 1.08
N GLY B 226 -12.16 21.95 0.04
CA GLY B 226 -13.34 21.60 -0.73
C GLY B 226 -14.59 21.74 0.12
N VAL B 227 -15.38 20.67 0.18
CA VAL B 227 -16.58 20.65 1.01
C VAL B 227 -16.34 19.96 2.35
N GLY B 228 -15.08 19.91 2.81
CA GLY B 228 -14.78 19.55 4.18
C GLY B 228 -14.79 18.08 4.51
N THR B 229 -14.41 17.21 3.56
CA THR B 229 -14.38 15.78 3.84
C THR B 229 -13.39 15.46 4.95
N THR B 230 -12.17 16.02 4.85
CA THR B 230 -11.16 15.79 5.88
C THR B 230 -11.65 16.27 7.25
N GLY B 231 -12.30 17.44 7.29
CA GLY B 231 -12.78 17.94 8.56
C GLY B 231 -13.89 17.09 9.16
N ALA B 232 -14.82 16.62 8.31
CA ALA B 232 -15.90 15.78 8.80
C ALA B 232 -15.36 14.47 9.37
N ALA B 233 -14.36 13.88 8.71
CA ALA B 233 -13.76 12.65 9.23
C ALA B 233 -12.92 12.93 10.48
N ALA B 234 -12.17 14.03 10.48
CA ALA B 234 -11.39 14.38 11.66
C ALA B 234 -12.28 14.61 12.87
N LYS B 235 -13.37 15.36 12.69
CA LYS B 235 -14.27 15.64 13.79
C LYS B 235 -14.92 14.35 14.30
N ARG B 236 -15.21 13.42 13.40
CA ARG B 236 -15.82 12.15 13.81
C ARG B 236 -14.90 11.35 14.71
N LEU B 237 -13.61 11.28 14.36
CA LEU B 237 -12.65 10.47 15.10
C LEU B 237 -11.94 11.24 16.20
N GLY B 238 -12.42 12.42 16.57
CA GLY B 238 -11.83 13.17 17.68
C GLY B 238 -10.47 13.78 17.37
N ARG B 239 -10.26 14.25 16.15
CA ARG B 239 -9.04 14.94 15.77
C ARG B 239 -9.36 16.39 15.45
N LYS B 240 -8.45 17.30 15.79
CA LYS B 240 -8.55 18.67 15.34
C LYS B 240 -8.23 18.76 13.85
N PHE B 241 -8.72 19.82 13.21
CA PHE B 241 -8.43 20.00 11.80
C PHE B 241 -8.33 21.48 11.47
N ILE B 242 -7.59 21.77 10.39
CA ILE B 242 -7.44 23.10 9.83
C ILE B 242 -7.67 22.98 8.33
N GLY B 243 -8.73 23.62 7.84
CA GLY B 243 -9.10 23.55 6.43
C GLY B 243 -8.92 24.90 5.76
N ILE B 244 -8.32 24.89 4.57
CA ILE B 244 -8.10 26.08 3.77
C ILE B 244 -8.72 25.84 2.40
N GLU B 245 -9.51 26.80 1.93
CA GLU B 245 -10.20 26.69 0.66
C GLU B 245 -10.46 28.09 0.12
N ARG B 246 -10.22 28.28 -1.18
CA ARG B 246 -10.32 29.59 -1.80
C ARG B 246 -11.73 29.92 -2.30
N GLU B 247 -12.62 28.94 -2.42
CA GLU B 247 -13.97 29.17 -2.92
C GLU B 247 -14.92 29.29 -1.72
N ALA B 248 -15.65 30.39 -1.64
CA ALA B 248 -16.56 30.61 -0.53
C ALA B 248 -17.79 29.72 -0.60
N GLU B 249 -18.24 29.38 -1.82
CA GLU B 249 -19.39 28.50 -1.95
C GLU B 249 -19.11 27.11 -1.39
N TYR B 250 -17.86 26.63 -1.52
CA TYR B 250 -17.52 25.33 -0.95
C TYR B 250 -17.46 25.41 0.58
N LEU B 251 -17.00 26.54 1.12
CA LEU B 251 -16.85 26.66 2.56
C LEU B 251 -18.20 26.78 3.26
N GLU B 252 -19.22 27.31 2.57
CA GLU B 252 -20.55 27.33 3.17
C GLU B 252 -21.11 25.91 3.31
N HIS B 253 -20.86 25.06 2.30
CA HIS B 253 -21.29 23.67 2.40
C HIS B 253 -20.48 22.92 3.45
N ALA B 254 -19.19 23.20 3.54
CA ALA B 254 -18.34 22.50 4.50
C ALA B 254 -18.75 22.84 5.93
N LYS B 255 -19.05 24.11 6.20
CA LYS B 255 -19.44 24.50 7.55
C LYS B 255 -20.75 23.84 7.96
N ALA B 256 -21.75 23.87 7.08
CA ALA B 256 -23.03 23.23 7.38
C ALA B 256 -22.89 21.72 7.52
N ARG B 257 -22.01 21.11 6.72
CA ARG B 257 -21.83 19.66 6.81
C ARG B 257 -21.14 19.26 8.09
N ILE B 258 -20.08 19.97 8.48
CA ILE B 258 -19.31 19.61 9.65
C ILE B 258 -20.10 19.85 10.92
N ALA B 259 -21.05 20.80 10.89
CA ALA B 259 -21.86 21.06 12.07
C ALA B 259 -22.78 19.90 12.42
N LYS B 260 -23.22 19.13 11.41
CA LYS B 260 -24.10 17.99 11.64
C LYS B 260 -23.35 16.71 12.00
N VAL B 261 -22.02 16.75 12.07
CA VAL B 261 -21.24 15.55 12.38
C VAL B 261 -21.34 15.26 13.87
N VAL B 262 -21.72 14.04 14.20
CA VAL B 262 -21.81 13.61 15.60
C VAL B 262 -20.43 13.16 16.06
N PRO B 263 -19.79 13.88 17.00
CA PRO B 263 -18.44 13.53 17.41
C PRO B 263 -18.44 12.33 18.35
N ILE B 264 -17.55 11.37 18.06
CA ILE B 264 -17.41 10.20 18.91
C ILE B 264 -16.75 10.61 20.22
N ALA B 265 -17.30 10.15 21.35
CA ALA B 265 -16.74 10.48 22.64
C ALA B 265 -15.32 9.91 22.76
N PRO B 266 -14.41 10.61 23.43
CA PRO B 266 -13.01 10.14 23.50
C PRO B 266 -12.85 8.77 24.12
N GLU B 267 -13.72 8.38 25.06
CA GLU B 267 -13.59 7.05 25.65
C GLU B 267 -13.90 5.94 24.64
N ASP B 268 -14.48 6.28 23.49
CA ASP B 268 -14.78 5.31 22.45
C ASP B 268 -13.80 5.38 21.28
N LEU B 269 -12.67 6.04 21.46
CA LEU B 269 -11.66 6.18 20.40
C LEU B 269 -10.46 5.26 20.62
N ASP B 270 -10.53 4.36 21.59
CA ASP B 270 -9.44 3.43 21.82
C ASP B 270 -9.41 2.36 20.74
N VAL B 271 -8.20 1.96 20.36
CA VAL B 271 -7.98 0.91 19.37
C VAL B 271 -6.93 -0.04 19.93
N MET B 272 -6.76 -1.17 19.25
CA MET B 272 -5.74 -2.13 19.65
C MET B 272 -4.37 -1.46 19.66
N GLY B 273 -3.57 -1.77 20.69
CA GLY B 273 -2.28 -1.16 20.86
C GLY B 273 -1.12 -2.08 20.47
N SER B 274 0.06 -1.48 20.40
CA SER B 274 1.28 -2.21 20.11
C SER B 274 1.93 -2.70 21.40
N LYS B 275 2.43 -3.94 21.36
CA LYS B 275 3.16 -4.48 22.50
C LYS B 275 4.47 -3.75 22.76
N ARG B 276 4.94 -2.95 21.80
CA ARG B 276 6.14 -2.13 22.02
C ARG B 276 5.89 -1.02 23.04
N ALA B 277 4.63 -0.69 23.33
CA ALA B 277 4.28 0.37 24.27
C ALA B 277 3.70 -0.17 25.57
N GLU B 278 3.83 -1.47 25.83
CA GLU B 278 3.46 -2.00 27.13
C GLU B 278 4.55 -1.63 28.16
N PRO B 279 4.20 -1.51 29.44
CA PRO B 279 5.21 -1.23 30.46
C PRO B 279 6.30 -2.31 30.48
N ARG B 280 7.53 -1.88 30.25
CA ARG B 280 8.65 -2.81 30.18
C ARG B 280 8.94 -3.39 31.56
N VAL B 281 8.98 -4.71 31.64
CA VAL B 281 9.35 -5.41 32.87
C VAL B 281 10.69 -6.10 32.64
N PRO B 282 11.80 -5.55 33.12
CA PRO B 282 13.09 -6.22 32.95
C PRO B 282 13.08 -7.58 33.63
N PHE B 283 13.82 -8.52 33.04
CA PHE B 283 13.88 -9.86 33.62
C PHE B 283 14.53 -9.83 35.00
N GLY B 284 15.37 -8.83 35.26
CA GLY B 284 15.93 -8.68 36.59
C GLY B 284 14.89 -8.38 37.65
N THR B 285 13.73 -7.85 37.26
CA THR B 285 12.66 -7.60 38.21
C THR B 285 11.90 -8.88 38.55
N ILE B 286 11.85 -9.83 37.62
CA ILE B 286 11.21 -11.11 37.91
C ILE B 286 11.98 -11.85 38.99
N VAL B 287 13.31 -11.76 38.97
CA VAL B 287 14.13 -12.44 39.96
C VAL B 287 14.09 -11.68 41.29
N GLU B 288 14.11 -10.36 41.24
CA GLU B 288 14.12 -9.57 42.48
C GLU B 288 12.78 -9.64 43.18
N ALA B 289 11.69 -9.90 42.45
CA ALA B 289 10.37 -10.01 43.07
C ALA B 289 10.20 -11.33 43.82
N GLY B 290 10.63 -12.43 43.22
CA GLY B 290 10.51 -13.73 43.87
C GLY B 290 9.88 -14.79 42.98
N LEU B 291 9.42 -14.37 41.79
CA LEU B 291 8.80 -15.32 40.87
C LEU B 291 9.81 -16.34 40.36
N LEU B 292 11.09 -15.96 40.27
CA LEU B 292 12.18 -16.88 39.97
C LEU B 292 13.32 -16.62 40.93
N SER B 293 14.00 -17.68 41.33
CA SER B 293 15.09 -17.57 42.28
C SER B 293 16.42 -17.93 41.64
N PRO B 294 17.53 -17.40 42.14
CA PRO B 294 18.85 -17.80 41.64
C PRO B 294 19.06 -19.30 41.83
N GLY B 295 19.41 -19.98 40.74
CA GLY B 295 19.56 -21.41 40.71
C GLY B 295 18.50 -22.13 39.90
N ASP B 296 17.36 -21.49 39.65
CA ASP B 296 16.31 -22.09 38.84
C ASP B 296 16.81 -22.28 37.40
N THR B 297 16.26 -23.29 36.74
CA THR B 297 16.66 -23.64 35.39
C THR B 297 15.57 -23.24 34.40
N LEU B 298 15.98 -22.62 33.30
CA LEU B 298 15.10 -22.27 32.20
C LEU B 298 15.29 -23.27 31.07
N TYR B 299 14.24 -23.48 30.27
CA TYR B 299 14.25 -24.46 29.21
C TYR B 299 13.73 -23.85 27.92
N CYS B 300 14.11 -24.46 26.80
CA CYS B 300 13.56 -24.10 25.50
C CYS B 300 12.23 -24.85 25.31
N SER B 301 11.70 -24.81 24.09
CA SER B 301 10.46 -25.52 23.81
C SER B 301 10.65 -27.03 23.85
N LYS B 302 11.78 -27.51 23.34
CA LYS B 302 12.07 -28.94 23.30
C LYS B 302 12.77 -29.44 24.56
N GLY B 303 13.26 -28.53 25.41
CA GLY B 303 13.92 -28.92 26.63
C GLY B 303 15.38 -29.30 26.49
N THR B 304 15.97 -29.12 25.31
CA THR B 304 17.36 -29.47 25.07
C THR B 304 18.33 -28.34 25.39
N HIS B 305 17.83 -27.13 25.61
CA HIS B 305 18.66 -25.97 25.95
C HIS B 305 18.28 -25.50 27.34
N VAL B 306 19.20 -25.65 28.29
CA VAL B 306 18.95 -25.35 29.70
C VAL B 306 19.85 -24.20 30.13
N ALA B 307 19.30 -23.31 30.96
CA ALA B 307 20.04 -22.17 31.49
C ALA B 307 19.71 -22.00 32.96
N LYS B 308 20.69 -21.51 33.73
CA LYS B 308 20.53 -21.27 35.15
C LYS B 308 20.40 -19.78 35.42
N VAL B 309 19.50 -19.41 36.33
CA VAL B 309 19.21 -18.02 36.63
C VAL B 309 20.26 -17.46 37.60
N ARG B 310 20.72 -16.26 37.32
CA ARG B 310 21.67 -15.50 38.13
C ARG B 310 20.94 -14.46 38.97
N PRO B 311 21.56 -13.99 40.06
CA PRO B 311 20.87 -13.01 40.92
C PRO B 311 20.51 -11.71 40.21
N ASP B 312 21.41 -11.15 39.41
CA ASP B 312 21.20 -9.84 38.80
C ASP B 312 20.28 -9.88 37.59
N GLY B 313 19.76 -11.04 37.22
CA GLY B 313 18.88 -11.16 36.06
C GLY B 313 19.52 -11.81 34.86
N SER B 314 20.82 -12.08 34.90
CA SER B 314 21.47 -12.81 33.82
C SER B 314 21.11 -14.30 33.90
N ILE B 315 21.44 -15.03 32.84
CA ILE B 315 21.35 -16.48 32.83
C ILE B 315 22.67 -17.04 32.31
N THR B 316 22.92 -18.29 32.64
CA THR B 316 24.16 -18.96 32.26
C THR B 316 23.85 -20.29 31.59
N VAL B 317 24.59 -20.59 30.52
CA VAL B 317 24.57 -21.91 29.87
C VAL B 317 26.02 -22.37 29.83
N GLY B 318 26.44 -23.11 30.86
CA GLY B 318 27.82 -23.53 30.96
C GLY B 318 28.75 -22.36 31.24
N ASP B 319 29.60 -22.03 30.27
CA ASP B 319 30.52 -20.90 30.40
C ASP B 319 29.94 -19.60 29.88
N LEU B 320 28.84 -19.65 29.13
CA LEU B 320 28.24 -18.46 28.57
C LEU B 320 27.32 -17.80 29.60
N SER B 321 27.31 -16.46 29.61
CA SER B 321 26.51 -15.71 30.56
C SER B 321 26.09 -14.38 29.94
N GLY B 322 24.82 -14.03 30.13
CA GLY B 322 24.31 -12.79 29.57
C GLY B 322 22.81 -12.70 29.80
N SER B 323 22.17 -11.79 29.06
CA SER B 323 20.74 -11.59 29.19
C SER B 323 19.98 -12.76 28.55
N ILE B 324 18.69 -12.86 28.88
CA ILE B 324 17.87 -13.93 28.35
C ILE B 324 17.75 -13.85 26.84
N HIS B 325 18.00 -12.69 26.25
CA HIS B 325 17.91 -12.52 24.81
C HIS B 325 19.23 -12.85 24.11
N LYS B 326 20.34 -12.33 24.63
CA LYS B 326 21.64 -12.63 24.02
C LYS B 326 21.99 -14.10 24.16
N ILE B 327 21.68 -14.70 25.32
CA ILE B 327 21.99 -16.11 25.52
C ILE B 327 21.03 -16.98 24.69
N GLY B 328 19.76 -16.59 24.62
CA GLY B 328 18.81 -17.35 23.81
C GLY B 328 19.21 -17.38 22.34
N ALA B 329 19.78 -16.29 21.84
CA ALA B 329 20.25 -16.27 20.47
C ALA B 329 21.55 -17.05 20.29
N LEU B 330 22.40 -17.06 21.33
CA LEU B 330 23.68 -17.76 21.22
C LEU B 330 23.50 -19.26 21.23
N VAL B 331 22.58 -19.78 22.06
CA VAL B 331 22.40 -21.22 22.19
C VAL B 331 21.76 -21.85 20.97
N GLN B 332 21.18 -21.06 20.07
CA GLN B 332 20.60 -21.58 18.84
C GLN B 332 21.22 -20.99 17.59
N SER B 333 22.38 -20.32 17.72
CA SER B 333 23.12 -19.75 16.59
C SER B 333 22.25 -18.80 15.77
N ALA B 334 21.49 -17.96 16.47
CA ALA B 334 20.60 -17.03 15.80
C ALA B 334 21.08 -15.59 15.99
N PRO B 335 20.80 -14.70 15.03
CA PRO B 335 21.18 -13.29 15.23
C PRO B 335 20.41 -12.60 16.35
N ALA B 336 19.15 -12.97 16.56
CA ALA B 336 18.34 -12.36 17.61
C ALA B 336 17.44 -13.42 18.23
N CYS B 337 16.85 -13.08 19.37
CA CYS B 337 15.95 -13.98 20.08
C CYS B 337 15.14 -13.17 21.09
N ASN B 338 13.85 -13.51 21.20
CA ASN B 338 12.99 -12.98 22.25
C ASN B 338 12.95 -14.01 23.36
N GLY B 339 13.72 -13.75 24.43
CA GLY B 339 13.81 -14.70 25.53
C GLY B 339 12.53 -14.88 26.32
N TRP B 340 11.57 -13.95 26.19
CA TRP B 340 10.32 -14.09 26.92
C TRP B 340 9.48 -15.22 26.36
N THR B 341 9.52 -15.46 25.06
CA THR B 341 8.80 -16.56 24.44
C THR B 341 9.66 -17.80 24.22
N TYR B 342 10.98 -17.68 24.34
CA TYR B 342 11.89 -18.79 24.10
C TYR B 342 12.14 -19.61 25.36
N TRP B 343 12.44 -18.95 26.48
CA TRP B 343 12.74 -19.66 27.71
C TRP B 343 11.46 -20.02 28.46
N HIS B 344 11.50 -21.18 29.12
CA HIS B 344 10.36 -21.70 29.87
C HIS B 344 10.82 -22.09 31.27
N PHE B 345 9.92 -21.94 32.24
CA PHE B 345 10.15 -22.40 33.59
C PHE B 345 9.15 -23.50 33.92
N LYS B 346 9.58 -24.42 34.80
CA LYS B 346 8.77 -25.58 35.12
C LYS B 346 7.57 -25.17 35.98
N THR B 347 6.38 -25.64 35.58
CA THR B 347 5.14 -25.37 36.30
C THR B 347 4.44 -26.70 36.58
N ASP B 348 3.24 -26.60 37.17
CA ASP B 348 2.47 -27.79 37.50
C ASP B 348 1.86 -28.45 36.26
N ALA B 349 1.68 -27.69 35.18
CA ALA B 349 1.15 -28.23 33.93
C ALA B 349 2.23 -28.62 32.93
N GLY B 350 3.47 -28.17 33.13
CA GLY B 350 4.55 -28.48 32.22
C GLY B 350 5.48 -27.31 32.02
N LEU B 351 5.94 -27.12 30.79
CA LEU B 351 6.82 -25.99 30.45
C LEU B 351 5.96 -24.79 30.10
N ALA B 352 6.14 -23.69 30.83
CA ALA B 352 5.44 -22.44 30.60
C ALA B 352 6.45 -21.34 30.32
N PRO B 353 6.24 -20.53 29.29
CA PRO B 353 7.22 -19.46 28.98
C PRO B 353 7.28 -18.43 30.10
N ILE B 354 8.46 -17.84 30.27
CA ILE B 354 8.65 -16.85 31.32
C ILE B 354 7.84 -15.59 31.06
N ASP B 355 7.34 -15.40 29.83
CA ASP B 355 6.43 -14.30 29.53
C ASP B 355 5.17 -14.36 30.39
N VAL B 356 4.80 -15.55 30.86
CA VAL B 356 3.68 -15.66 31.79
C VAL B 356 3.95 -14.87 33.06
N LEU B 357 5.20 -14.92 33.55
CA LEU B 357 5.55 -14.19 34.75
C LEU B 357 5.58 -12.69 34.51
N ARG B 358 5.99 -12.26 33.31
CA ARG B 358 5.92 -10.85 32.98
C ARG B 358 4.48 -10.34 32.97
N ALA B 359 3.55 -11.20 32.53
CA ALA B 359 2.15 -10.82 32.54
C ALA B 359 1.61 -10.67 33.95
N GLN B 360 2.11 -11.48 34.90
CA GLN B 360 1.66 -11.37 36.28
C GLN B 360 2.12 -10.05 36.91
N VAL B 361 3.35 -9.63 36.62
CA VAL B 361 3.83 -8.35 37.13
C VAL B 361 3.02 -7.20 36.54
N ARG B 362 2.69 -7.30 35.25
CA ARG B 362 1.90 -6.25 34.61
C ARG B 362 0.45 -6.26 35.07
N ALA B 363 -0.06 -7.40 35.54
CA ALA B 363 -1.44 -7.46 36.00
C ALA B 363 -1.64 -6.65 37.28
N GLY B 364 -0.60 -6.47 38.07
CA GLY B 364 -0.68 -5.71 39.30
C GLY B 364 -0.18 -4.28 39.15
N SFG E . 11.19 -7.97 -16.79
CA SFG E . 12.36 -8.80 -16.79
C SFG E . 11.94 -10.24 -16.60
O SFG E . 12.80 -11.18 -16.70
OXT SFG E . 10.74 -10.52 -16.36
CB SFG E . 13.34 -8.34 -15.66
CG SFG E . 13.89 -6.95 -15.98
CD SFG E . 14.67 -6.42 -14.79
NE SFG E . 13.75 -5.82 -13.86
C5' SFG E . 15.68 -5.37 -15.23
C4' SFG E . 16.75 -5.91 -16.16
O4' SFG E . 17.40 -4.82 -16.85
C3' SFG E . 17.90 -6.51 -15.37
O3' SFG E . 18.09 -7.86 -15.81
C2' SFG E . 19.12 -5.61 -15.77
O2' SFG E . 20.28 -6.43 -15.92
C1' SFG E . 18.79 -5.08 -16.90
N9 SFG E . 19.48 -3.78 -17.19
C8 SFG E . 19.80 -2.81 -16.29
N7 SFG E . 20.38 -1.77 -16.94
C5 SFG E . 20.44 -2.07 -18.23
C6 SFG E . 20.93 -1.37 -19.33
N6 SFG E . 21.48 -0.16 -19.19
N1 SFG E . 20.85 -1.89 -20.54
C2 SFG E . 20.28 -3.13 -20.63
N3 SFG E . 19.79 -3.88 -19.64
C4 SFG E . 19.86 -3.34 -18.41
N SFG F . -10.94 16.81 -1.03
CA SFG F . -11.92 17.85 -1.19
C SFG F . -13.29 17.32 -0.84
O SFG F . -14.29 18.12 -0.82
OXT SFG F . -13.46 16.10 -0.56
CB SFG F . -11.90 18.41 -2.63
CG SFG F . -10.56 19.07 -2.92
CD SFG F . -10.50 19.46 -4.38
NE SFG F . -9.98 18.36 -5.15
C5' SFG F . -9.59 20.67 -4.56
C4' SFG F . -10.14 21.93 -3.91
O4' SFG F . -9.09 22.91 -3.73
C3' SFG F . -11.11 22.63 -4.83
O3' SFG F . -12.32 22.90 -4.13
C2' SFG F . -10.35 23.95 -5.18
O2' SFG F . -11.29 25.04 -5.30
C1' SFG F . -9.56 24.17 -4.17
N9 SFG F . -8.36 24.99 -4.56
C8 SFG F . -7.80 25.08 -5.80
N7 SFG F . -6.73 25.90 -5.75
C5 SFG F . -6.60 26.33 -4.49
C6 SFG F . -5.67 27.19 -3.89
N6 SFG F . -4.68 27.75 -4.60
N1 SFG F . -5.76 27.46 -2.61
C2 SFG F . -6.78 26.86 -1.94
N3 SFG F . -7.72 26.04 -2.41
C4 SFG F . -7.62 25.76 -3.73
C1 EDO G . 4.48 3.17 14.50
O1 EDO G . 4.40 1.76 14.29
C2 EDO G . 3.74 3.54 15.78
O2 EDO G . 3.20 4.86 15.67
#